data_7L0G
#
_entry.id   7L0G
#
_cell.length_a   71.834
_cell.length_b   62.596
_cell.length_c   123.404
_cell.angle_alpha   90.00
_cell.angle_beta   101.22
_cell.angle_gamma   90.00
#
_symmetry.space_group_name_H-M   'P 1 21 1'
#
loop_
_entity.id
_entity.type
_entity.pdbx_description
1 polymer 'GTPase HRas'
2 polymer 'Monobody 12VC1'
3 non-polymer "5'-GUANOSINE-DIPHOSPHATE-MONOTHIOPHOSPHATE"
4 non-polymer 'MAGNESIUM ION'
5 water water
#
loop_
_entity_poly.entity_id
_entity_poly.type
_entity_poly.pdbx_seq_one_letter_code
_entity_poly.pdbx_strand_id
1 'polypeptide(L)'
;SMTEYKLVVVGACGVGKSALTIQLIQNHFVDEYDPTIEDSYRKQVVIDGETCLLDILDTAGQEEYSAMRDQYMRTGEGFL
CVFAINNTKSFEDIHQYREQIKRVKDSDDVPMVLVGNKCDLAARTVESRQAQDLARSYGIPYIETSAKTRQGVEDAFYTL
VREIRQH
;
A,B,E,G
2 'polypeptide(L)'
;GSVSSVPTKLEVVAATPTSLLISWDAPAVTVFFYVITYGETGHGVGAFQAFKVPGSKSTATISGLKPGVDYTITVYARGY
SKQGPYKPSPISINYRT
;
C,D,F,H
#
# COMPACT_ATOMS: atom_id res chain seq x y z
N MET A 2 13.56 -17.49 -7.48
CA MET A 2 13.29 -16.25 -6.68
C MET A 2 13.34 -16.55 -5.18
N THR A 3 14.18 -15.79 -4.46
CA THR A 3 14.49 -16.00 -3.07
C THR A 3 13.28 -15.75 -2.17
N GLU A 4 13.08 -16.68 -1.22
CA GLU A 4 12.01 -16.61 -0.25
C GLU A 4 12.58 -16.31 1.12
N TYR A 5 11.88 -15.46 1.87
CA TYR A 5 12.23 -15.11 3.24
C TYR A 5 11.08 -15.50 4.12
N LYS A 6 11.36 -16.32 5.15
CA LYS A 6 10.36 -16.79 6.09
C LYS A 6 10.39 -15.90 7.32
N LEU A 7 9.39 -15.03 7.44
CA LEU A 7 9.31 -14.06 8.54
C LEU A 7 8.20 -14.48 9.48
N VAL A 8 8.48 -14.40 10.78
CA VAL A 8 7.51 -14.71 11.82
C VAL A 8 7.30 -13.48 12.70
N VAL A 9 6.03 -13.14 12.93
CA VAL A 9 5.65 -12.00 13.74
C VAL A 9 5.12 -12.52 15.09
N VAL A 10 5.86 -12.23 16.16
CA VAL A 10 5.54 -12.70 17.50
C VAL A 10 5.35 -11.53 18.46
N GLY A 11 4.68 -11.81 19.59
CA GLY A 11 4.37 -10.80 20.58
C GLY A 11 3.07 -11.11 21.28
N ALA A 12 2.79 -10.33 22.32
CA ALA A 12 1.64 -10.57 23.16
C ALA A 12 0.32 -10.32 22.42
N CYS A 13 -0.78 -10.68 23.09
CA CYS A 13 -2.12 -10.47 22.58
C CYS A 13 -2.47 -9.01 22.40
N GLY A 14 -3.08 -8.69 21.25
CA GLY A 14 -3.66 -7.37 20.99
C GLY A 14 -2.72 -6.25 20.60
N VAL A 15 -1.44 -6.56 20.36
CA VAL A 15 -0.42 -5.54 20.10
C VAL A 15 -0.42 -4.97 18.70
N GLY A 16 -0.99 -5.74 17.76
CA GLY A 16 -1.14 -5.34 16.37
C GLY A 16 -0.35 -6.14 15.35
N LYS A 17 0.03 -7.37 15.68
CA LYS A 17 0.78 -8.26 14.77
C LYS A 17 0.00 -8.48 13.47
N SER A 18 -1.32 -8.71 13.60
CA SER A 18 -2.17 -8.94 12.46
C SER A 18 -2.37 -7.66 11.63
N ALA A 19 -2.71 -6.56 12.31
CA ALA A 19 -2.89 -5.26 11.67
C ALA A 19 -1.63 -4.84 10.89
N LEU A 20 -0.46 -5.04 11.49
CA LEU A 20 0.79 -4.72 10.82
C LEU A 20 0.94 -5.51 9.54
N THR A 21 0.71 -6.83 9.62
CA THR A 21 0.92 -7.74 8.50
C THR A 21 -0.04 -7.47 7.35
N ILE A 22 -1.31 -7.28 7.69
CA ILE A 22 -2.35 -6.98 6.72
C ILE A 22 -2.10 -5.62 6.03
N GLN A 23 -1.59 -4.65 6.79
CA GLN A 23 -1.23 -3.35 6.25
C GLN A 23 -0.12 -3.51 5.20
N LEU A 24 0.89 -4.34 5.49
CA LEU A 24 1.96 -4.63 4.53
C LEU A 24 1.46 -5.35 3.27
N ILE A 25 0.57 -6.31 3.46
CA ILE A 25 0.15 -7.26 2.42
C ILE A 25 -1.02 -6.73 1.58
N GLN A 26 -1.98 -6.07 2.22
CA GLN A 26 -3.23 -5.64 1.62
C GLN A 26 -3.41 -4.11 1.60
N ASN A 27 -2.47 -3.36 2.19
CA ASN A 27 -2.53 -1.91 2.25
C ASN A 27 -3.85 -1.38 2.80
N HIS A 28 -4.27 -1.95 3.93
CA HIS A 28 -5.51 -1.58 4.59
C HIS A 28 -5.42 -1.86 6.11
N PHE A 29 -6.03 -0.97 6.89
CA PHE A 29 -6.05 -1.07 8.34
C PHE A 29 -7.29 -1.82 8.78
N VAL A 30 -7.07 -2.89 9.56
CA VAL A 30 -8.13 -3.71 10.15
C VAL A 30 -8.42 -3.17 11.54
N ASP A 31 -9.52 -2.43 11.69
CA ASP A 31 -9.89 -1.86 13.00
C ASP A 31 -10.68 -2.82 13.92
N GLU A 32 -11.18 -3.93 13.38
CA GLU A 32 -11.83 -4.97 14.16
C GLU A 32 -10.80 -5.90 14.80
N TYR A 33 -10.98 -6.22 16.09
CA TYR A 33 -10.12 -7.14 16.80
C TYR A 33 -10.64 -8.56 16.61
N ASP A 34 -9.84 -9.38 15.93
CA ASP A 34 -10.13 -10.77 15.71
C ASP A 34 -8.95 -11.63 16.13
N PRO A 35 -8.89 -12.07 17.42
CA PRO A 35 -7.77 -12.87 17.91
C PRO A 35 -7.37 -14.01 16.97
N THR A 36 -6.09 -14.05 16.58
CA THR A 36 -5.59 -14.99 15.59
C THR A 36 -5.29 -16.37 16.16
N ILE A 37 -5.55 -17.40 15.37
CA ILE A 37 -5.12 -18.76 15.66
C ILE A 37 -3.80 -19.00 14.96
N GLU A 38 -3.81 -18.94 13.62
CA GLU A 38 -2.63 -18.95 12.77
C GLU A 38 -3.04 -18.45 11.38
N ASP A 39 -2.22 -17.56 10.81
CA ASP A 39 -2.43 -16.98 9.49
C ASP A 39 -1.10 -16.92 8.76
N SER A 40 -1.11 -17.36 7.51
CA SER A 40 0.07 -17.39 6.68
C SER A 40 -0.18 -16.55 5.42
N TYR A 41 0.81 -15.73 5.04
CA TYR A 41 0.70 -14.84 3.86
C TYR A 41 1.95 -14.93 3.01
N ARG A 42 1.78 -14.74 1.70
CA ARG A 42 2.89 -14.77 0.74
C ARG A 42 2.71 -13.61 -0.19
N LYS A 43 3.78 -12.83 -0.41
CA LYS A 43 3.72 -11.68 -1.27
C LYS A 43 5.07 -11.39 -1.91
N GLN A 44 5.04 -11.19 -3.24
CA GLN A 44 6.21 -10.81 -4.01
C GLN A 44 6.39 -9.30 -3.90
N VAL A 45 7.60 -8.86 -3.55
CA VAL A 45 7.94 -7.46 -3.47
C VAL A 45 9.34 -7.24 -3.99
N VAL A 46 9.70 -5.97 -4.15
CA VAL A 46 11.06 -5.56 -4.46
C VAL A 46 11.59 -4.79 -3.27
N ILE A 47 12.70 -5.25 -2.70
CA ILE A 47 13.36 -4.58 -1.58
C ILE A 47 14.79 -4.24 -1.99
N ASP A 48 15.11 -2.95 -1.96
CA ASP A 48 16.42 -2.41 -2.35
C ASP A 48 16.82 -2.90 -3.74
N GLY A 49 15.84 -2.91 -4.66
CA GLY A 49 16.05 -3.37 -6.02
C GLY A 49 16.15 -4.87 -6.26
N GLU A 50 16.15 -5.68 -5.19
CA GLU A 50 16.15 -7.15 -5.33
C GLU A 50 14.76 -7.73 -5.07
N THR A 51 14.24 -8.47 -6.07
CA THR A 51 12.93 -9.10 -6.03
C THR A 51 12.97 -10.37 -5.19
N CYS A 52 11.96 -10.53 -4.33
CA CYS A 52 11.91 -11.61 -3.37
C CYS A 52 10.48 -11.89 -2.93
N LEU A 53 10.28 -13.08 -2.36
CA LEU A 53 8.99 -13.52 -1.83
C LEU A 53 9.05 -13.50 -0.31
N LEU A 54 8.12 -12.74 0.28
CA LEU A 54 7.86 -12.70 1.72
C LEU A 54 6.85 -13.77 2.10
N ASP A 55 7.28 -14.70 2.96
CA ASP A 55 6.48 -15.78 3.50
C ASP A 55 6.31 -15.46 4.99
N ILE A 56 5.15 -14.90 5.33
CA ILE A 56 4.91 -14.31 6.62
C ILE A 56 3.93 -15.12 7.43
N LEU A 57 4.36 -15.56 8.61
CA LEU A 57 3.51 -16.25 9.56
C LEU A 57 3.12 -15.28 10.69
N ASP A 58 1.81 -15.00 10.80
CA ASP A 58 1.26 -14.07 11.80
C ASP A 58 0.72 -14.93 12.95
N THR A 59 1.48 -15.02 14.05
CA THR A 59 1.22 -15.98 15.11
C THR A 59 0.19 -15.47 16.10
N ALA A 60 -0.30 -16.40 16.94
CA ALA A 60 -1.17 -16.10 18.01
C ALA A 60 -0.33 -15.57 19.15
N GLY A 61 -0.80 -14.48 19.75
CA GLY A 61 -0.13 -13.91 20.89
C GLY A 61 -0.11 -14.85 22.07
N GLN A 62 1.00 -14.80 22.82
CA GLN A 62 1.13 -15.46 24.12
C GLN A 62 0.87 -16.96 23.99
N GLU A 63 1.46 -17.60 22.96
CA GLU A 63 1.25 -19.04 22.69
C GLU A 63 1.53 -19.88 23.93
N GLU A 64 0.55 -20.72 24.30
CA GLU A 64 0.56 -21.49 25.55
C GLU A 64 1.41 -22.77 25.44
N TYR A 65 1.50 -23.32 24.23
CA TYR A 65 2.14 -24.60 24.03
C TYR A 65 3.43 -24.48 23.25
N SER A 66 4.51 -24.91 23.88
CA SER A 66 5.82 -24.89 23.30
C SER A 66 5.96 -25.77 22.07
N ALA A 67 5.18 -26.83 21.96
CA ALA A 67 5.24 -27.70 20.79
C ALA A 67 4.77 -26.96 19.52
N MET A 68 3.80 -26.06 19.69
CA MET A 68 3.38 -25.16 18.60
C MET A 68 4.48 -24.13 18.28
N ARG A 69 4.90 -23.44 19.32
CA ARG A 69 5.83 -22.31 19.25
C ARG A 69 7.15 -22.74 18.63
N ASP A 70 7.68 -23.89 19.06
CA ASP A 70 8.93 -24.42 18.58
C ASP A 70 8.93 -24.71 17.09
N GLN A 71 7.77 -25.03 16.51
CA GLN A 71 7.69 -25.28 15.07
C GLN A 71 8.03 -24.05 14.23
N TYR A 72 7.32 -22.95 14.48
CA TYR A 72 7.54 -21.73 13.70
C TYR A 72 8.78 -20.95 14.06
N MET A 73 9.28 -21.14 15.29
CA MET A 73 10.58 -20.60 15.69
C MET A 73 11.76 -21.33 15.05
N ARG A 74 11.57 -22.60 14.70
CA ARG A 74 12.59 -23.39 14.01
C ARG A 74 12.69 -23.03 12.51
N THR A 75 11.54 -22.81 11.86
CA THR A 75 11.51 -22.54 10.41
C THR A 75 11.71 -21.08 10.00
N GLY A 76 11.31 -20.15 10.86
CA GLY A 76 11.48 -18.73 10.60
C GLY A 76 12.95 -18.34 10.44
N GLU A 77 13.22 -17.49 9.44
CA GLU A 77 14.56 -16.94 9.24
C GLU A 77 14.69 -15.60 9.96
N GLY A 78 13.57 -14.91 10.18
CA GLY A 78 13.55 -13.62 10.83
C GLY A 78 12.30 -13.39 11.65
N PHE A 79 12.45 -12.63 12.74
CA PHE A 79 11.39 -12.44 13.70
C PHE A 79 11.16 -10.97 13.97
N LEU A 80 9.92 -10.52 13.75
CA LEU A 80 9.46 -9.24 14.25
C LEU A 80 8.94 -9.49 15.66
N CYS A 81 9.63 -8.92 16.66
CA CYS A 81 9.18 -8.97 18.03
C CYS A 81 8.41 -7.69 18.35
N VAL A 82 7.08 -7.83 18.50
CA VAL A 82 6.18 -6.73 18.55
C VAL A 82 5.61 -6.54 19.95
N PHE A 83 5.63 -5.28 20.43
CA PHE A 83 4.90 -4.88 21.60
C PHE A 83 4.11 -3.63 21.25
N ALA A 84 3.28 -3.20 22.19
CA ALA A 84 2.43 -2.05 22.04
C ALA A 84 2.83 -1.05 23.07
N ILE A 85 2.91 0.21 22.67
CA ILE A 85 3.44 1.26 23.54
C ILE A 85 2.48 1.70 24.66
N ASN A 86 1.25 1.19 24.66
CA ASN A 86 0.30 1.39 25.75
C ASN A 86 0.16 0.15 26.64
N ASN A 87 1.11 -0.79 26.51
CA ASN A 87 1.06 -2.10 27.17
C ASN A 87 2.42 -2.50 27.70
N THR A 88 2.69 -2.12 28.95
CA THR A 88 3.98 -2.37 29.61
C THR A 88 4.30 -3.86 29.68
N LYS A 89 3.29 -4.66 29.98
CA LYS A 89 3.43 -6.10 30.04
C LYS A 89 3.99 -6.67 28.71
N SER A 90 3.46 -6.18 27.58
CA SER A 90 3.85 -6.67 26.26
C SER A 90 5.33 -6.37 26.00
N PHE A 91 5.79 -5.25 26.56
CA PHE A 91 7.17 -4.82 26.47
C PHE A 91 8.09 -5.79 27.25
N GLU A 92 7.74 -6.09 28.50
CA GLU A 92 8.49 -7.01 29.35
C GLU A 92 8.51 -8.44 28.79
N ASP A 93 7.38 -8.83 28.17
CA ASP A 93 7.23 -10.12 27.51
C ASP A 93 8.26 -10.36 26.40
N ILE A 94 8.72 -9.29 25.77
CA ILE A 94 9.66 -9.41 24.66
C ILE A 94 10.82 -10.30 25.04
N HIS A 95 11.31 -10.14 26.28
CA HIS A 95 12.49 -10.86 26.74
C HIS A 95 12.32 -12.37 26.62
N GLN A 96 11.13 -12.85 26.98
CA GLN A 96 10.82 -14.29 26.91
C GLN A 96 10.78 -14.79 25.47
N TYR A 97 10.14 -14.02 24.58
CA TYR A 97 10.06 -14.37 23.17
C TYR A 97 11.48 -14.51 22.57
N ARG A 98 12.35 -13.57 22.90
CA ARG A 98 13.69 -13.59 22.43
C ARG A 98 14.43 -14.84 22.97
N GLU A 99 14.29 -15.09 24.27
CA GLU A 99 14.89 -16.25 24.92
C GLU A 99 14.45 -17.57 24.25
N GLN A 100 13.14 -17.70 24.00
CA GLN A 100 12.58 -18.87 23.34
C GLN A 100 13.21 -19.08 21.97
N ILE A 101 13.29 -18.00 21.18
CA ILE A 101 13.83 -18.08 19.82
C ILE A 101 15.29 -18.53 19.87
N LYS A 102 16.07 -17.90 20.73
CA LYS A 102 17.48 -18.23 20.92
C LYS A 102 17.66 -19.70 21.28
N ARG A 103 16.79 -20.19 22.17
CA ARG A 103 16.82 -21.57 22.63
C ARG A 103 16.55 -22.57 21.50
N VAL A 104 15.55 -22.31 20.66
CA VAL A 104 15.22 -23.18 19.53
C VAL A 104 16.29 -23.12 18.43
N LYS A 105 16.83 -21.93 18.18
CA LYS A 105 17.87 -21.73 17.18
C LYS A 105 19.24 -22.25 17.62
N ASP A 106 19.49 -22.17 18.94
CA ASP A 106 20.82 -22.43 19.52
C ASP A 106 21.82 -21.36 19.02
N SER A 107 21.50 -20.09 19.28
CA SER A 107 22.29 -18.96 18.81
C SER A 107 21.88 -17.64 19.48
N ASP A 108 22.81 -16.69 19.56
CA ASP A 108 22.55 -15.33 20.04
C ASP A 108 22.18 -14.38 18.87
N ASP A 109 22.75 -14.62 17.68
CA ASP A 109 22.48 -13.82 16.48
C ASP A 109 21.43 -14.46 15.56
N VAL A 110 20.16 -14.17 15.89
CA VAL A 110 19.04 -14.45 15.01
C VAL A 110 18.58 -13.10 14.46
N PRO A 111 18.37 -12.96 13.14
CA PRO A 111 17.78 -11.74 12.57
C PRO A 111 16.46 -11.41 13.27
N MET A 112 16.38 -10.19 13.82
CA MET A 112 15.27 -9.76 14.63
C MET A 112 15.15 -8.27 14.60
N VAL A 113 13.92 -7.79 14.74
CA VAL A 113 13.64 -6.39 14.86
C VAL A 113 12.64 -6.18 15.96
N LEU A 114 12.94 -5.21 16.84
CA LEU A 114 12.06 -4.83 17.92
C LEU A 114 11.10 -3.79 17.39
N VAL A 115 9.79 -4.06 17.52
CA VAL A 115 8.75 -3.18 17.01
C VAL A 115 7.81 -2.68 18.10
N GLY A 116 7.74 -1.36 18.26
CA GLY A 116 6.79 -0.72 19.16
C GLY A 116 5.62 -0.16 18.38
N ASN A 117 4.48 -0.86 18.45
CA ASN A 117 3.30 -0.48 17.67
C ASN A 117 2.33 0.42 18.44
N LYS A 118 1.38 1.00 17.69
CA LYS A 118 0.33 1.88 18.19
C LYS A 118 0.85 3.23 18.59
N CYS A 119 1.84 3.73 17.84
CA CYS A 119 2.55 4.98 18.17
C CYS A 119 1.64 6.21 17.95
N ASP A 120 0.58 6.02 17.16
CA ASP A 120 -0.52 6.97 17.03
C ASP A 120 -1.32 7.27 18.31
N LEU A 121 -1.19 6.42 19.33
CA LEU A 121 -1.89 6.63 20.59
C LEU A 121 -1.27 7.75 21.41
N ALA A 122 -2.13 8.56 22.03
CA ALA A 122 -1.73 9.66 22.91
C ALA A 122 -1.12 9.17 24.24
N ALA A 123 -1.93 8.44 25.02
CA ALA A 123 -1.53 7.94 26.34
C ALA A 123 -0.65 6.68 26.21
N ARG A 124 0.65 6.91 26.37
CA ARG A 124 1.70 5.93 26.16
C ARG A 124 2.25 5.58 27.53
N THR A 125 2.56 4.29 27.76
CA THR A 125 3.12 3.82 29.03
C THR A 125 4.53 3.23 28.91
N VAL A 126 5.00 2.94 27.70
CA VAL A 126 6.38 2.53 27.42
C VAL A 126 7.05 3.63 26.62
N GLU A 127 8.15 4.17 27.16
CA GLU A 127 8.86 5.28 26.50
C GLU A 127 9.87 4.77 25.48
N SER A 128 10.07 5.57 24.41
CA SER A 128 11.03 5.27 23.34
C SER A 128 12.42 4.93 23.87
N ARG A 129 12.86 5.73 24.84
CA ARG A 129 14.13 5.55 25.53
C ARG A 129 14.29 4.10 25.98
N GLN A 130 13.30 3.60 26.73
CA GLN A 130 13.34 2.24 27.26
C GLN A 130 13.54 1.21 26.16
N ALA A 131 12.80 1.38 25.05
CA ALA A 131 12.80 0.42 23.95
C ALA A 131 14.10 0.49 23.15
N GLN A 132 14.60 1.72 22.95
CA GLN A 132 15.90 1.95 22.32
C GLN A 132 16.98 1.24 23.10
N ASP A 133 16.94 1.36 24.44
CA ASP A 133 17.90 0.72 25.33
C ASP A 133 17.85 -0.80 25.19
N LEU A 134 16.62 -1.35 25.26
CA LEU A 134 16.42 -2.77 25.15
C LEU A 134 16.99 -3.30 23.84
N ALA A 135 16.64 -2.61 22.73
CA ALA A 135 17.10 -2.98 21.41
C ALA A 135 18.62 -2.98 21.38
N ARG A 136 19.20 -1.88 21.89
CA ARG A 136 20.64 -1.71 22.00
C ARG A 136 21.32 -2.90 22.67
N SER A 137 20.80 -3.31 23.84
CA SER A 137 21.36 -4.43 24.61
C SER A 137 21.26 -5.78 23.88
N TYR A 138 20.22 -5.95 23.05
CA TYR A 138 20.07 -7.15 22.21
C TYR A 138 20.92 -7.07 20.94
N GLY A 139 21.27 -5.86 20.53
CA GLY A 139 22.01 -5.60 19.31
C GLY A 139 21.18 -5.70 18.05
N ILE A 140 19.96 -5.18 18.10
CA ILE A 140 19.01 -5.21 16.97
C ILE A 140 18.37 -3.85 16.73
N PRO A 141 17.81 -3.58 15.53
CA PRO A 141 17.08 -2.34 15.28
C PRO A 141 15.79 -2.21 16.10
N TYR A 142 15.39 -0.96 16.38
CA TYR A 142 14.08 -0.63 16.98
C TYR A 142 13.32 0.25 16.00
N ILE A 143 12.07 -0.13 15.70
CA ILE A 143 11.22 0.63 14.80
C ILE A 143 9.88 0.93 15.47
N GLU A 144 9.58 2.22 15.63
CA GLU A 144 8.28 2.64 16.10
C GLU A 144 7.34 2.58 14.89
N THR A 145 6.17 1.95 15.10
CA THR A 145 5.16 1.76 14.06
C THR A 145 3.77 2.17 14.54
N SER A 146 2.90 2.46 13.57
CA SER A 146 1.46 2.42 13.72
C SER A 146 0.88 1.75 12.47
N ALA A 147 0.13 0.67 12.69
CA ALA A 147 -0.62 -0.01 11.64
C ALA A 147 -1.82 0.83 11.17
N LYS A 148 -2.26 1.76 12.02
CA LYS A 148 -3.34 2.70 11.71
C LYS A 148 -2.96 3.72 10.66
N THR A 149 -1.83 4.39 10.89
CA THR A 149 -1.33 5.42 9.98
C THR A 149 -0.32 4.94 8.94
N ARG A 150 0.15 3.69 9.05
CA ARG A 150 1.24 3.15 8.24
C ARG A 150 2.65 3.64 8.59
N GLN A 151 2.78 4.50 9.60
CA GLN A 151 4.10 4.93 10.02
C GLN A 151 4.93 3.69 10.35
N GLY A 152 6.05 3.57 9.65
CA GLY A 152 7.08 2.57 9.92
C GLY A 152 6.81 1.14 9.52
N VAL A 153 5.66 0.87 8.92
CA VAL A 153 5.28 -0.51 8.61
C VAL A 153 6.21 -1.18 7.61
N GLU A 154 6.37 -0.57 6.42
CA GLU A 154 7.31 -1.07 5.41
C GLU A 154 8.73 -1.15 5.98
N ASP A 155 9.12 -0.13 6.76
CA ASP A 155 10.45 -0.07 7.39
C ASP A 155 10.73 -1.32 8.22
N ALA A 156 9.77 -1.70 9.08
CA ALA A 156 9.92 -2.84 9.98
C ALA A 156 10.25 -4.13 9.21
N PHE A 157 9.38 -4.50 8.27
CA PHE A 157 9.50 -5.77 7.57
C PHE A 157 10.71 -5.81 6.63
N TYR A 158 10.97 -4.69 5.96
CA TYR A 158 12.04 -4.61 4.98
C TYR A 158 13.38 -4.59 5.69
N THR A 159 13.43 -3.95 6.87
CA THR A 159 14.63 -3.96 7.72
C THR A 159 14.93 -5.38 8.22
N LEU A 160 13.87 -6.14 8.54
CA LEU A 160 14.03 -7.52 8.95
C LEU A 160 14.66 -8.31 7.81
N VAL A 161 14.19 -8.08 6.59
CA VAL A 161 14.74 -8.72 5.41
C VAL A 161 16.21 -8.32 5.22
N ARG A 162 16.51 -7.05 5.46
CA ARG A 162 17.88 -6.55 5.36
C ARG A 162 18.79 -7.24 6.36
N GLU A 163 18.26 -7.54 7.56
CA GLU A 163 19.02 -8.19 8.62
C GLU A 163 19.35 -9.66 8.25
N ILE A 164 18.42 -10.34 7.59
CA ILE A 164 18.61 -11.71 7.14
C ILE A 164 19.70 -11.73 6.05
N ARG A 165 19.62 -10.79 5.11
CA ARG A 165 20.62 -10.60 4.07
C ARG A 165 22.03 -10.31 4.60
N GLN A 166 22.14 -9.56 5.70
CA GLN A 166 23.43 -9.20 6.29
C GLN A 166 23.91 -10.13 7.43
N HIS A 167 23.27 -11.27 7.62
CA HIS A 167 23.59 -12.19 8.72
C HIS A 167 25.03 -12.70 8.59
N MET B 2 15.97 -4.22 -16.22
CA MET B 2 14.57 -4.21 -15.65
C MET B 2 13.66 -3.31 -16.50
N THR B 3 12.54 -3.87 -16.96
CA THR B 3 11.60 -3.18 -17.84
C THR B 3 10.92 -1.99 -17.17
N GLU B 4 10.87 -0.87 -17.90
CA GLU B 4 10.22 0.35 -17.46
C GLU B 4 8.99 0.58 -18.30
N TYR B 5 7.89 0.99 -17.63
CA TYR B 5 6.64 1.32 -18.28
C TYR B 5 6.33 2.77 -17.99
N LYS B 6 6.13 3.56 -19.05
CA LYS B 6 5.83 4.97 -18.95
C LYS B 6 4.32 5.16 -19.02
N LEU B 7 3.69 5.43 -17.88
CA LEU B 7 2.26 5.55 -17.76
C LEU B 7 1.90 7.01 -17.54
N VAL B 8 0.85 7.47 -18.23
CA VAL B 8 0.35 8.83 -18.09
C VAL B 8 -1.10 8.81 -17.64
N VAL B 9 -1.43 9.62 -16.64
CA VAL B 9 -2.77 9.73 -16.10
C VAL B 9 -3.36 11.06 -16.57
N VAL B 10 -4.40 10.98 -17.42
CA VAL B 10 -5.05 12.14 -17.99
C VAL B 10 -6.53 12.17 -17.64
N GLY B 11 -7.12 13.37 -17.78
CA GLY B 11 -8.51 13.60 -17.43
C GLY B 11 -8.73 15.00 -16.96
N ALA B 12 -10.01 15.34 -16.77
CA ALA B 12 -10.38 16.71 -16.44
C ALA B 12 -9.92 17.09 -15.05
N CYS B 13 -10.09 18.37 -14.72
CA CYS B 13 -9.79 18.93 -13.42
C CYS B 13 -10.64 18.34 -12.31
N GLY B 14 -9.98 17.98 -11.19
CA GLY B 14 -10.63 17.57 -9.97
C GLY B 14 -11.15 16.14 -9.88
N VAL B 15 -10.86 15.31 -10.88
CA VAL B 15 -11.44 13.95 -10.97
C VAL B 15 -10.76 12.92 -10.08
N GLY B 16 -9.52 13.20 -9.67
CA GLY B 16 -8.78 12.38 -8.74
C GLY B 16 -7.54 11.70 -9.27
N LYS B 17 -6.97 12.23 -10.36
CA LYS B 17 -5.74 11.70 -10.97
C LYS B 17 -4.60 11.68 -9.97
N SER B 18 -4.46 12.76 -9.19
CA SER B 18 -3.39 12.85 -8.20
C SER B 18 -3.64 11.89 -7.02
N ALA B 19 -4.86 11.91 -6.47
CA ALA B 19 -5.25 11.05 -5.37
C ALA B 19 -5.04 9.57 -5.73
N LEU B 20 -5.43 9.18 -6.95
CA LEU B 20 -5.22 7.82 -7.41
C LEU B 20 -3.75 7.44 -7.38
N THR B 21 -2.90 8.31 -7.94
CA THR B 21 -1.48 8.04 -8.13
C THR B 21 -0.75 7.97 -6.79
N ILE B 22 -1.06 8.91 -5.91
CA ILE B 22 -0.48 8.96 -4.56
C ILE B 22 -0.91 7.73 -3.73
N GLN B 23 -2.15 7.29 -3.91
CA GLN B 23 -2.66 6.10 -3.26
C GLN B 23 -1.85 4.88 -3.69
N LEU B 24 -1.56 4.76 -4.99
CA LEU B 24 -0.74 3.65 -5.51
C LEU B 24 0.68 3.69 -4.99
N ILE B 25 1.27 4.89 -4.94
CA ILE B 25 2.69 5.10 -4.69
C ILE B 25 3.03 5.19 -3.20
N GLN B 26 2.17 5.86 -2.44
CA GLN B 26 2.39 6.16 -1.03
C GLN B 26 1.40 5.48 -0.07
N ASN B 27 0.39 4.80 -0.62
CA ASN B 27 -0.63 4.14 0.19
C ASN B 27 -1.28 5.08 1.21
N HIS B 28 -1.70 6.25 0.73
CA HIS B 28 -2.43 7.21 1.54
C HIS B 28 -3.31 8.13 0.68
N PHE B 29 -4.46 8.52 1.25
CA PHE B 29 -5.43 9.34 0.59
C PHE B 29 -5.17 10.81 0.91
N VAL B 30 -5.03 11.62 -0.13
CA VAL B 30 -4.86 13.07 -0.04
C VAL B 30 -6.23 13.71 -0.14
N ASP B 31 -6.79 14.16 0.98
CA ASP B 31 -8.13 14.80 0.94
C ASP B 31 -8.14 16.31 0.58
N GLU B 32 -6.97 16.95 0.60
CA GLU B 32 -6.78 18.33 0.18
C GLU B 32 -6.69 18.41 -1.34
N TYR B 33 -7.38 19.40 -1.93
CA TYR B 33 -7.31 19.65 -3.37
C TYR B 33 -6.19 20.62 -3.66
N ASP B 34 -5.17 20.13 -4.36
CA ASP B 34 -4.03 20.89 -4.80
C ASP B 34 -3.85 20.72 -6.31
N PRO B 35 -4.45 21.61 -7.13
CA PRO B 35 -4.32 21.52 -8.60
C PRO B 35 -2.87 21.31 -9.06
N THR B 36 -2.66 20.27 -9.87
CA THR B 36 -1.34 19.86 -10.30
C THR B 36 -0.81 20.68 -11.47
N ILE B 37 0.51 20.95 -11.46
CA ILE B 37 1.19 21.49 -12.62
C ILE B 37 1.76 20.34 -13.43
N GLU B 38 2.68 19.60 -12.80
CA GLU B 38 3.23 18.35 -13.32
C GLU B 38 3.91 17.61 -12.16
N ASP B 39 3.65 16.31 -12.04
CA ASP B 39 4.23 15.46 -11.00
C ASP B 39 4.63 14.13 -11.64
N SER B 40 5.87 13.71 -11.40
CA SER B 40 6.39 12.46 -11.96
C SER B 40 6.84 11.57 -10.81
N TYR B 41 6.48 10.27 -10.88
CA TYR B 41 6.83 9.29 -9.84
C TYR B 41 7.43 8.03 -10.46
N ARG B 42 8.28 7.34 -9.70
CA ARG B 42 8.89 6.10 -10.15
C ARG B 42 8.80 5.12 -9.00
N LYS B 43 8.36 3.90 -9.29
CA LYS B 43 8.23 2.85 -8.28
C LYS B 43 8.44 1.45 -8.87
N GLN B 44 9.28 0.66 -8.21
CA GLN B 44 9.52 -0.73 -8.58
C GLN B 44 8.42 -1.58 -7.93
N VAL B 45 7.77 -2.43 -8.74
CA VAL B 45 6.74 -3.32 -8.28
C VAL B 45 6.86 -4.65 -8.99
N VAL B 46 6.11 -5.65 -8.50
CA VAL B 46 5.95 -6.94 -9.18
C VAL B 46 4.51 -7.03 -9.62
N ILE B 47 4.31 -7.22 -10.93
CA ILE B 47 2.98 -7.42 -11.51
C ILE B 47 2.94 -8.76 -12.22
N ASP B 48 2.04 -9.64 -11.76
CA ASP B 48 1.85 -10.99 -12.28
C ASP B 48 3.17 -11.76 -12.30
N GLY B 49 3.94 -11.61 -11.23
CA GLY B 49 5.23 -12.25 -11.08
C GLY B 49 6.40 -11.66 -11.86
N GLU B 50 6.14 -10.68 -12.74
CA GLU B 50 7.23 -9.99 -13.44
C GLU B 50 7.54 -8.63 -12.83
N THR B 51 8.81 -8.44 -12.46
CA THR B 51 9.31 -7.24 -11.78
C THR B 51 9.57 -6.15 -12.81
N CYS B 52 9.11 -4.92 -12.51
CA CYS B 52 9.15 -3.82 -13.46
C CYS B 52 9.13 -2.48 -12.74
N LEU B 53 9.52 -1.42 -13.47
CA LEU B 53 9.54 -0.06 -12.96
C LEU B 53 8.40 0.73 -13.61
N LEU B 54 7.55 1.29 -12.75
CA LEU B 54 6.48 2.21 -13.13
C LEU B 54 6.97 3.64 -13.12
N ASP B 55 6.92 4.28 -14.29
CA ASP B 55 7.29 5.67 -14.48
C ASP B 55 5.99 6.41 -14.79
N ILE B 56 5.43 7.06 -13.76
CA ILE B 56 4.08 7.58 -13.81
C ILE B 56 4.09 9.09 -13.83
N LEU B 57 3.49 9.66 -14.88
CA LEU B 57 3.30 11.10 -14.99
C LEU B 57 1.84 11.46 -14.66
N ASP B 58 1.65 12.24 -13.60
CA ASP B 58 0.32 12.71 -13.16
C ASP B 58 0.12 14.13 -13.70
N THR B 59 -0.67 14.24 -14.78
CA THR B 59 -0.79 15.46 -15.55
C THR B 59 -1.79 16.44 -14.96
N ALA B 60 -1.72 17.68 -15.44
CA ALA B 60 -2.66 18.71 -15.09
C ALA B 60 -3.89 18.47 -15.94
N GLY B 61 -5.06 18.55 -15.31
CA GLY B 61 -6.32 18.40 -16.00
C GLY B 61 -6.50 19.50 -17.03
N GLN B 62 -7.09 19.16 -18.19
CA GLN B 62 -7.52 20.12 -19.19
C GLN B 62 -6.36 21.03 -19.66
N GLU B 63 -5.23 20.39 -19.99
CA GLU B 63 -3.94 21.05 -20.23
C GLU B 63 -4.05 22.27 -21.15
N GLU B 64 -3.56 23.42 -20.66
CA GLU B 64 -3.67 24.70 -21.36
C GLU B 64 -2.65 24.89 -22.49
N TYR B 65 -1.49 24.25 -22.36
CA TYR B 65 -0.40 24.38 -23.31
C TYR B 65 -0.18 23.10 -24.10
N SER B 66 -0.40 23.18 -25.41
CA SER B 66 -0.36 22.01 -26.30
C SER B 66 1.06 21.40 -26.38
N ALA B 67 2.09 22.23 -26.22
CA ALA B 67 3.45 21.73 -26.31
C ALA B 67 3.78 20.82 -25.12
N MET B 68 3.18 21.09 -23.96
CA MET B 68 3.23 20.19 -22.79
C MET B 68 2.51 18.88 -23.08
N ARG B 69 1.24 19.01 -23.51
CA ARG B 69 0.39 17.86 -23.79
C ARG B 69 1.01 16.92 -24.81
N ASP B 70 1.51 17.49 -25.91
CA ASP B 70 2.07 16.73 -27.01
C ASP B 70 3.31 15.92 -26.58
N GLN B 71 4.08 16.48 -25.63
CA GLN B 71 5.29 15.83 -25.15
C GLN B 71 4.98 14.53 -24.42
N TYR B 72 4.11 14.59 -23.40
CA TYR B 72 3.82 13.40 -22.61
C TYR B 72 2.92 12.38 -23.30
N MET B 73 2.12 12.82 -24.28
CA MET B 73 1.35 11.92 -25.10
C MET B 73 2.22 11.17 -26.12
N ARG B 74 3.36 11.74 -26.50
CA ARG B 74 4.29 11.08 -27.41
C ARG B 74 5.13 10.00 -26.69
N THR B 75 5.56 10.27 -25.46
CA THR B 75 6.46 9.35 -24.73
C THR B 75 5.75 8.27 -23.90
N GLY B 76 4.52 8.53 -23.46
CA GLY B 76 3.74 7.57 -22.71
C GLY B 76 3.47 6.30 -23.51
N GLU B 77 3.61 5.15 -22.86
CA GLU B 77 3.26 3.86 -23.46
C GLU B 77 1.82 3.48 -23.13
N GLY B 78 1.29 4.01 -22.02
CA GLY B 78 -0.05 3.71 -21.58
C GLY B 78 -0.72 4.87 -20.87
N PHE B 79 -2.04 4.98 -21.04
CA PHE B 79 -2.81 6.11 -20.55
C PHE B 79 -3.99 5.65 -19.72
N LEU B 80 -4.04 6.11 -18.48
CA LEU B 80 -5.23 6.01 -17.64
C LEU B 80 -6.09 7.23 -17.99
N CYS B 81 -7.24 6.99 -18.60
CA CYS B 81 -8.18 8.06 -18.88
C CYS B 81 -9.23 8.09 -17.75
N VAL B 82 -9.15 9.14 -16.95
CA VAL B 82 -9.90 9.24 -15.71
C VAL B 82 -11.03 10.26 -15.82
N PHE B 83 -12.22 9.86 -15.36
CA PHE B 83 -13.31 10.79 -15.11
C PHE B 83 -13.86 10.50 -13.73
N ALA B 84 -14.78 11.35 -13.29
CA ALA B 84 -15.39 11.24 -11.98
C ALA B 84 -16.86 11.00 -12.20
N ILE B 85 -17.42 10.09 -11.41
CA ILE B 85 -18.81 9.64 -11.59
C ILE B 85 -19.86 10.67 -11.15
N ASN B 86 -19.42 11.75 -10.50
CA ASN B 86 -20.31 12.89 -10.15
C ASN B 86 -20.12 14.08 -11.10
N ASN B 87 -19.45 13.84 -12.25
CA ASN B 87 -19.04 14.89 -13.18
C ASN B 87 -19.24 14.47 -14.62
N THR B 88 -20.44 14.76 -15.15
CA THR B 88 -20.83 14.40 -16.50
C THR B 88 -19.89 14.96 -17.55
N LYS B 89 -19.49 16.22 -17.35
CA LYS B 89 -18.57 16.89 -18.24
C LYS B 89 -17.26 16.09 -18.40
N SER B 90 -16.72 15.58 -17.27
CA SER B 90 -15.45 14.87 -17.27
C SER B 90 -15.57 13.58 -18.09
N PHE B 91 -16.76 12.99 -18.06
CA PHE B 91 -17.08 11.80 -18.82
C PHE B 91 -17.05 12.07 -20.33
N GLU B 92 -17.74 13.12 -20.76
CA GLU B 92 -17.79 13.53 -22.17
C GLU B 92 -16.40 13.95 -22.69
N ASP B 93 -15.61 14.57 -21.81
CA ASP B 93 -14.24 14.98 -22.11
C ASP B 93 -13.34 13.82 -22.50
N ILE B 94 -13.62 12.61 -21.99
CA ILE B 94 -12.80 11.45 -22.28
C ILE B 94 -12.54 11.32 -23.77
N HIS B 95 -13.58 11.56 -24.58
CA HIS B 95 -13.50 11.36 -26.01
C HIS B 95 -12.39 12.21 -26.64
N GLN B 96 -12.27 13.46 -26.17
CA GLN B 96 -11.24 14.38 -26.64
C GLN B 96 -9.84 13.91 -26.27
N TYR B 97 -9.65 13.48 -25.02
CA TYR B 97 -8.37 12.98 -24.55
C TYR B 97 -7.91 11.80 -25.41
N ARG B 98 -8.85 10.89 -25.71
CA ARG B 98 -8.55 9.76 -26.53
C ARG B 98 -8.13 10.20 -27.93
N GLU B 99 -8.92 11.12 -28.52
CA GLU B 99 -8.64 11.67 -29.84
C GLU B 99 -7.25 12.33 -29.91
N GLN B 100 -6.92 13.13 -28.89
CA GLN B 100 -5.63 13.80 -28.81
C GLN B 100 -4.49 12.79 -28.81
N ILE B 101 -4.62 11.74 -27.99
CA ILE B 101 -3.59 10.72 -27.88
C ILE B 101 -3.39 10.01 -29.21
N LYS B 102 -4.51 9.61 -29.83
CA LYS B 102 -4.50 8.95 -31.13
C LYS B 102 -3.80 9.81 -32.17
N ARG B 103 -4.09 11.11 -32.15
CA ARG B 103 -3.53 12.07 -33.07
C ARG B 103 -2.00 12.19 -32.95
N VAL B 104 -1.49 12.28 -31.72
CA VAL B 104 -0.05 12.35 -31.47
C VAL B 104 0.66 11.03 -31.79
N LYS B 105 0.01 9.91 -31.46
CA LYS B 105 0.58 8.59 -31.71
C LYS B 105 0.52 8.19 -33.17
N ASP B 106 -0.53 8.67 -33.88
CA ASP B 106 -0.87 8.23 -35.23
C ASP B 106 -1.26 6.73 -35.19
N SER B 107 -2.29 6.41 -34.39
CA SER B 107 -2.76 5.03 -34.21
C SER B 107 -4.13 4.97 -33.53
N ASP B 108 -4.87 3.88 -33.75
CA ASP B 108 -6.13 3.61 -33.06
C ASP B 108 -5.93 2.77 -31.78
N ASP B 109 -4.93 1.89 -31.80
CA ASP B 109 -4.64 0.98 -30.68
C ASP B 109 -3.48 1.50 -29.83
N VAL B 110 -3.83 2.36 -28.86
CA VAL B 110 -2.91 2.74 -27.80
C VAL B 110 -3.40 2.03 -26.53
N PRO B 111 -2.51 1.36 -25.75
CA PRO B 111 -2.90 0.82 -24.45
C PRO B 111 -3.52 1.87 -23.56
N MET B 112 -4.73 1.59 -23.07
CA MET B 112 -5.54 2.55 -22.35
C MET B 112 -6.50 1.86 -21.42
N VAL B 113 -6.85 2.53 -20.33
CA VAL B 113 -7.87 2.04 -19.42
C VAL B 113 -8.78 3.19 -19.04
N LEU B 114 -10.08 2.95 -19.09
CA LEU B 114 -11.07 3.93 -18.72
C LEU B 114 -11.32 3.77 -17.23
N VAL B 115 -11.15 4.87 -16.48
CA VAL B 115 -11.31 4.87 -15.04
C VAL B 115 -12.40 5.83 -14.54
N GLY B 116 -13.41 5.28 -13.85
CA GLY B 116 -14.45 6.08 -13.21
C GLY B 116 -14.18 6.19 -11.72
N ASN B 117 -13.69 7.36 -11.28
CA ASN B 117 -13.27 7.56 -9.90
C ASN B 117 -14.39 8.18 -9.04
N LYS B 118 -14.17 8.14 -7.71
CA LYS B 118 -15.06 8.67 -6.69
C LYS B 118 -16.31 7.82 -6.54
N CYS B 119 -16.15 6.50 -6.68
CA CYS B 119 -17.27 5.56 -6.70
C CYS B 119 -17.92 5.42 -5.33
N ASP B 120 -17.16 5.79 -4.29
CA ASP B 120 -17.65 5.96 -2.93
C ASP B 120 -18.74 7.03 -2.74
N LEU B 121 -18.90 7.94 -3.70
CA LEU B 121 -19.90 9.00 -3.60
C LEU B 121 -21.30 8.47 -3.87
N ALA B 122 -22.27 8.95 -3.07
CA ALA B 122 -23.66 8.50 -3.14
C ALA B 122 -24.39 9.05 -4.38
N ALA B 123 -24.46 10.39 -4.49
CA ALA B 123 -25.12 11.07 -5.60
C ALA B 123 -24.22 11.08 -6.86
N ARG B 124 -24.55 10.17 -7.77
CA ARG B 124 -23.78 9.84 -8.96
C ARG B 124 -24.60 10.36 -10.14
N THR B 125 -23.90 10.93 -11.15
CA THR B 125 -24.55 11.48 -12.34
C THR B 125 -24.17 10.76 -13.64
N VAL B 126 -23.10 9.94 -13.61
CA VAL B 126 -22.73 9.05 -14.73
C VAL B 126 -22.90 7.63 -14.28
N GLU B 127 -23.74 6.86 -14.98
CA GLU B 127 -24.04 5.47 -14.61
C GLU B 127 -23.01 4.49 -15.19
N SER B 128 -22.76 3.39 -14.46
CA SER B 128 -21.81 2.34 -14.86
C SER B 128 -22.06 1.85 -16.28
N ARG B 129 -23.34 1.63 -16.59
CA ARG B 129 -23.78 1.21 -17.91
C ARG B 129 -23.15 2.09 -19.00
N GLN B 130 -23.31 3.43 -18.86
CA GLN B 130 -22.78 4.37 -19.84
C GLN B 130 -21.28 4.17 -20.06
N ALA B 131 -20.55 4.00 -18.95
CA ALA B 131 -19.11 3.92 -18.99
C ALA B 131 -18.64 2.57 -19.55
N GLN B 132 -19.35 1.50 -19.18
CA GLN B 132 -19.13 0.17 -19.74
C GLN B 132 -19.27 0.19 -21.25
N ASP B 133 -20.33 0.86 -21.73
CA ASP B 133 -20.60 1.02 -23.16
C ASP B 133 -19.48 1.76 -23.87
N LEU B 134 -19.08 2.89 -23.29
CA LEU B 134 -18.03 3.72 -23.88
C LEU B 134 -16.75 2.89 -24.01
N ALA B 135 -16.38 2.20 -22.91
CA ALA B 135 -15.19 1.36 -22.89
C ALA B 135 -15.27 0.32 -23.97
N ARG B 136 -16.43 -0.37 -24.02
CA ARG B 136 -16.71 -1.38 -25.03
C ARG B 136 -16.45 -0.88 -26.45
N SER B 137 -16.99 0.30 -26.78
CA SER B 137 -16.83 0.87 -28.11
C SER B 137 -15.38 1.25 -28.46
N TYR B 138 -14.59 1.61 -27.45
CA TYR B 138 -13.15 1.87 -27.62
C TYR B 138 -12.34 0.59 -27.64
N GLY B 139 -12.88 -0.49 -27.07
CA GLY B 139 -12.23 -1.78 -26.95
C GLY B 139 -11.16 -1.82 -25.87
N ILE B 140 -11.48 -1.24 -24.71
CA ILE B 140 -10.57 -1.16 -23.56
C ILE B 140 -11.29 -1.53 -22.27
N PRO B 141 -10.56 -1.91 -21.18
CA PRO B 141 -11.20 -2.16 -19.89
C PRO B 141 -11.80 -0.90 -19.26
N TYR B 142 -12.83 -1.09 -18.43
CA TYR B 142 -13.39 -0.07 -17.54
C TYR B 142 -13.21 -0.53 -16.10
N ILE B 143 -12.64 0.35 -15.26
CA ILE B 143 -12.43 0.08 -13.87
C ILE B 143 -13.04 1.19 -13.01
N GLU B 144 -14.00 0.84 -12.16
CA GLU B 144 -14.53 1.75 -11.18
C GLU B 144 -13.53 1.80 -10.02
N THR B 145 -13.18 3.02 -9.59
CA THR B 145 -12.22 3.25 -8.51
C THR B 145 -12.77 4.25 -7.49
N SER B 146 -12.19 4.18 -6.29
CA SER B 146 -12.20 5.26 -5.31
C SER B 146 -10.80 5.34 -4.72
N ALA B 147 -10.18 6.51 -4.85
CA ALA B 147 -8.91 6.82 -4.21
C ALA B 147 -9.06 6.96 -2.69
N LYS B 148 -10.29 7.25 -2.25
CA LYS B 148 -10.63 7.35 -0.83
C LYS B 148 -10.57 6.02 -0.11
N THR B 149 -11.26 5.03 -0.66
CA THR B 149 -11.33 3.68 -0.07
C THR B 149 -10.29 2.68 -0.62
N ARG B 150 -9.58 3.07 -1.68
CA ARG B 150 -8.67 2.18 -2.41
C ARG B 150 -9.34 1.15 -3.34
N GLN B 151 -10.68 1.14 -3.41
CA GLN B 151 -11.33 0.24 -4.31
C GLN B 151 -10.77 0.48 -5.74
N GLY B 152 -10.22 -0.58 -6.32
CA GLY B 152 -9.85 -0.62 -7.71
C GLY B 152 -8.56 0.08 -8.11
N VAL B 153 -7.87 0.69 -7.16
CA VAL B 153 -6.71 1.51 -7.50
C VAL B 153 -5.56 0.69 -8.12
N GLU B 154 -5.08 -0.32 -7.42
CA GLU B 154 -4.08 -1.25 -7.95
C GLU B 154 -4.54 -1.90 -9.27
N ASP B 155 -5.82 -2.28 -9.32
CA ASP B 155 -6.42 -2.89 -10.51
C ASP B 155 -6.21 -2.01 -11.75
N ALA B 156 -6.53 -0.71 -11.62
CA ALA B 156 -6.43 0.25 -12.72
C ALA B 156 -5.02 0.27 -13.33
N PHE B 157 -4.01 0.57 -12.50
CA PHE B 157 -2.64 0.74 -12.97
C PHE B 157 -2.02 -0.56 -13.49
N TYR B 158 -2.31 -1.67 -12.80
CA TYR B 158 -1.73 -2.96 -13.13
C TYR B 158 -2.36 -3.49 -14.41
N THR B 159 -3.66 -3.22 -14.58
CA THR B 159 -4.37 -3.55 -15.82
C THR B 159 -3.80 -2.76 -17.01
N LEU B 160 -3.44 -1.50 -16.78
CA LEU B 160 -2.82 -0.69 -17.81
C LEU B 160 -1.49 -1.32 -18.22
N VAL B 161 -0.71 -1.78 -17.25
CA VAL B 161 0.53 -2.47 -17.52
C VAL B 161 0.27 -3.77 -18.31
N ARG B 162 -0.80 -4.47 -17.95
CA ARG B 162 -1.19 -5.70 -18.62
C ARG B 162 -1.54 -5.43 -20.08
N GLU B 163 -2.16 -4.27 -20.34
CA GLU B 163 -2.56 -3.89 -21.69
C GLU B 163 -1.37 -3.60 -22.58
N ILE B 164 -0.32 -2.97 -22.01
CA ILE B 164 0.91 -2.70 -22.73
C ILE B 164 1.59 -4.00 -23.11
N ARG B 165 1.67 -4.92 -22.13
CA ARG B 165 2.23 -6.25 -22.33
C ARG B 165 1.51 -7.08 -23.40
N GLN B 166 0.19 -6.95 -23.49
CA GLN B 166 -0.61 -7.73 -24.44
C GLN B 166 -0.97 -6.98 -25.74
N HIS B 167 -0.27 -5.89 -26.04
CA HIS B 167 -0.56 -5.08 -27.23
C HIS B 167 -0.42 -5.91 -28.51
N SER C 5 -21.53 -13.42 22.60
CA SER C 5 -22.45 -14.53 22.24
C SER C 5 -22.04 -15.87 22.88
N VAL C 6 -20.80 -16.32 22.65
CA VAL C 6 -20.51 -17.76 22.91
C VAL C 6 -19.99 -18.17 24.28
N PRO C 7 -19.00 -17.50 24.94
CA PRO C 7 -18.98 -17.52 26.39
C PRO C 7 -20.16 -16.66 26.86
N THR C 8 -20.88 -17.13 27.87
CA THR C 8 -22.03 -16.44 28.40
C THR C 8 -21.77 -16.11 29.84
N LYS C 9 -22.65 -15.26 30.39
CA LYS C 9 -22.67 -14.90 31.81
C LYS C 9 -21.28 -14.47 32.32
N LEU C 10 -20.70 -13.51 31.60
CA LEU C 10 -19.54 -12.76 32.07
C LEU C 10 -19.92 -11.85 33.26
N GLU C 11 -19.18 -11.97 34.36
CA GLU C 11 -19.44 -11.19 35.55
C GLU C 11 -18.14 -10.99 36.35
N VAL C 12 -18.11 -9.91 37.14
CA VAL C 12 -17.04 -9.63 38.10
C VAL C 12 -17.43 -10.26 39.43
N VAL C 13 -16.56 -11.17 39.93
CA VAL C 13 -16.82 -11.90 41.17
C VAL C 13 -15.97 -11.41 42.34
N ALA C 14 -14.85 -10.72 42.06
CA ALA C 14 -14.02 -10.04 43.06
C ALA C 14 -13.31 -8.81 42.51
N ALA C 15 -13.23 -7.76 43.33
CA ALA C 15 -12.60 -6.50 42.93
C ALA C 15 -11.66 -5.93 44.01
N THR C 16 -10.62 -5.23 43.56
CA THR C 16 -9.79 -4.34 44.36
C THR C 16 -9.79 -3.07 43.52
N PRO C 17 -9.27 -1.93 44.00
CA PRO C 17 -9.18 -0.73 43.17
C PRO C 17 -8.30 -0.88 41.90
N THR C 18 -7.32 -1.78 41.92
CA THR C 18 -6.40 -1.99 40.80
C THR C 18 -6.62 -3.28 39.99
N SER C 19 -7.57 -4.11 40.42
CA SER C 19 -7.67 -5.48 39.89
C SER C 19 -9.08 -6.07 39.93
N LEU C 20 -9.38 -6.94 38.96
CA LEU C 20 -10.66 -7.63 38.86
C LEU C 20 -10.44 -9.11 38.66
N LEU C 21 -11.27 -9.91 39.32
CA LEU C 21 -11.45 -11.32 39.03
C LEU C 21 -12.76 -11.43 38.27
N ILE C 22 -12.70 -11.91 37.03
CA ILE C 22 -13.89 -12.10 36.21
C ILE C 22 -14.09 -13.59 36.07
N SER C 23 -15.32 -13.96 35.69
CA SER C 23 -15.77 -15.33 35.54
C SER C 23 -16.77 -15.36 34.41
N TRP C 24 -16.84 -16.49 33.70
CA TRP C 24 -17.81 -16.72 32.65
C TRP C 24 -18.18 -18.19 32.59
N ASP C 25 -19.16 -18.52 31.75
CA ASP C 25 -19.56 -19.90 31.49
C ASP C 25 -19.06 -20.37 30.13
N ALA C 26 -18.30 -21.46 30.12
CA ALA C 26 -17.79 -22.10 28.90
C ALA C 26 -18.95 -22.54 27.99
N PRO C 27 -18.74 -22.61 26.65
CA PRO C 27 -19.73 -23.19 25.75
C PRO C 27 -19.64 -24.72 25.77
N ALA C 28 -20.52 -25.39 25.02
CA ALA C 28 -20.53 -26.84 24.91
C ALA C 28 -19.29 -27.41 24.22
N VAL C 29 -18.83 -26.76 23.15
CA VAL C 29 -17.66 -27.23 22.41
C VAL C 29 -16.36 -26.91 23.14
N THR C 30 -15.30 -27.63 22.75
CA THR C 30 -13.93 -27.42 23.20
C THR C 30 -13.40 -26.13 22.64
N VAL C 31 -12.64 -25.40 23.48
CA VAL C 31 -12.08 -24.07 23.18
C VAL C 31 -10.56 -24.17 23.28
N PHE C 32 -9.83 -23.56 22.34
CA PHE C 32 -8.36 -23.59 22.40
C PHE C 32 -7.87 -22.59 23.46
N PHE C 33 -8.40 -21.36 23.39
CA PHE C 33 -8.09 -20.33 24.37
C PHE C 33 -9.17 -19.24 24.42
N TYR C 34 -9.16 -18.48 25.50
CA TYR C 34 -9.91 -17.25 25.58
C TYR C 34 -8.91 -16.08 25.60
N VAL C 35 -9.27 -14.99 24.93
CA VAL C 35 -8.59 -13.72 25.04
C VAL C 35 -9.49 -12.74 25.79
N ILE C 36 -8.92 -12.13 26.83
CA ILE C 36 -9.58 -11.11 27.63
C ILE C 36 -9.00 -9.76 27.22
N THR C 37 -9.88 -8.78 27.00
CA THR C 37 -9.48 -7.41 26.71
C THR C 37 -10.12 -6.45 27.70
N TYR C 38 -9.42 -5.37 27.99
CA TYR C 38 -9.90 -4.33 28.88
C TYR C 38 -9.33 -3.00 28.44
N GLY C 39 -10.23 -2.01 28.39
CA GLY C 39 -9.91 -0.62 28.16
C GLY C 39 -11.03 0.24 28.72
N GLU C 40 -10.81 1.56 28.76
CA GLU C 40 -11.77 2.50 29.28
C GLU C 40 -12.98 2.51 28.39
N THR C 41 -14.16 2.65 29.00
CA THR C 41 -15.44 2.70 28.28
C THR C 41 -15.36 3.78 27.18
N GLY C 42 -15.77 3.42 25.96
CA GLY C 42 -15.67 4.28 24.78
C GLY C 42 -14.25 4.53 24.23
N HIS C 43 -13.28 3.66 24.53
CA HIS C 43 -11.92 3.85 24.03
C HIS C 43 -11.88 3.76 22.49
N GLY C 44 -10.95 4.51 21.87
CA GLY C 44 -10.73 4.45 20.43
C GLY C 44 -10.08 3.12 20.01
N VAL C 45 -10.14 2.83 18.71
CA VAL C 45 -9.48 1.67 18.14
C VAL C 45 -8.06 1.51 18.68
N GLY C 46 -7.77 0.31 19.21
CA GLY C 46 -6.47 -0.06 19.73
C GLY C 46 -6.12 0.31 21.17
N ALA C 47 -6.97 1.12 21.82
CA ALA C 47 -6.68 1.63 23.18
C ALA C 47 -7.21 0.68 24.25
N PHE C 48 -6.63 -0.53 24.26
CA PHE C 48 -6.95 -1.58 25.20
C PHE C 48 -5.72 -2.46 25.42
N GLN C 49 -5.80 -3.28 26.48
CA GLN C 49 -4.81 -4.28 26.74
C GLN C 49 -5.46 -5.66 26.71
N ALA C 50 -4.66 -6.69 26.46
CA ALA C 50 -5.17 -8.01 26.21
C ALA C 50 -4.20 -9.05 26.68
N PHE C 51 -4.74 -10.14 27.23
CA PHE C 51 -3.95 -11.33 27.51
C PHE C 51 -4.81 -12.56 27.26
N LYS C 52 -4.16 -13.72 27.29
CA LYS C 52 -4.74 -14.99 26.91
C LYS C 52 -4.79 -15.91 28.14
N VAL C 53 -5.81 -16.78 28.18
CA VAL C 53 -5.93 -17.79 29.21
C VAL C 53 -6.35 -19.08 28.50
N PRO C 54 -5.89 -20.26 28.96
CA PRO C 54 -6.29 -21.54 28.35
C PRO C 54 -7.82 -21.77 28.36
N GLY C 55 -8.29 -22.59 27.42
CA GLY C 55 -9.68 -22.92 27.26
C GLY C 55 -10.26 -23.76 28.37
N SER C 56 -9.40 -24.30 29.22
CA SER C 56 -9.82 -24.99 30.42
C SER C 56 -10.18 -24.06 31.57
N LYS C 57 -9.87 -22.77 31.45
CA LYS C 57 -10.22 -21.79 32.46
C LYS C 57 -11.55 -21.17 32.16
N SER C 58 -12.21 -20.69 33.22
CA SER C 58 -13.44 -19.92 33.10
C SER C 58 -13.42 -18.72 34.10
N THR C 59 -12.20 -18.26 34.42
CA THR C 59 -11.96 -17.07 35.22
C THR C 59 -10.61 -16.51 34.79
N ALA C 60 -10.37 -15.24 35.16
CA ALA C 60 -9.11 -14.57 34.90
C ALA C 60 -9.00 -13.33 35.79
N THR C 61 -7.76 -12.93 36.07
CA THR C 61 -7.46 -11.77 36.89
C THR C 61 -6.87 -10.69 35.97
N ILE C 62 -7.43 -9.49 36.09
CA ILE C 62 -6.95 -8.30 35.40
C ILE C 62 -6.28 -7.39 36.42
N SER C 63 -5.05 -7.00 36.15
CA SER C 63 -4.25 -6.13 37.01
C SER C 63 -3.92 -4.77 36.38
N GLY C 64 -3.38 -3.88 37.21
CA GLY C 64 -2.94 -2.58 36.81
C GLY C 64 -4.05 -1.67 36.31
N LEU C 65 -5.25 -1.80 36.86
CA LEU C 65 -6.33 -0.88 36.53
C LEU C 65 -6.18 0.41 37.32
N LYS C 66 -6.70 1.51 36.76
CA LYS C 66 -6.70 2.81 37.41
C LYS C 66 -7.91 2.86 38.35
N PRO C 67 -7.74 3.27 39.62
CA PRO C 67 -8.86 3.24 40.56
C PRO C 67 -9.96 4.24 40.21
N GLY C 68 -11.21 3.77 40.31
CA GLY C 68 -12.40 4.58 40.04
C GLY C 68 -12.73 4.86 38.59
N VAL C 69 -12.05 4.19 37.65
CA VAL C 69 -12.30 4.32 36.21
C VAL C 69 -13.24 3.22 35.73
N ASP C 70 -14.11 3.59 34.77
CA ASP C 70 -15.03 2.67 34.13
C ASP C 70 -14.36 1.95 32.95
N TYR C 71 -14.40 0.61 32.98
CA TYR C 71 -13.76 -0.24 31.98
C TYR C 71 -14.71 -1.10 31.22
N THR C 72 -14.43 -1.31 29.94
CA THR C 72 -15.12 -2.35 29.16
C THR C 72 -14.23 -3.59 29.12
N ILE C 73 -14.81 -4.73 29.51
CA ILE C 73 -14.12 -5.99 29.59
C ILE C 73 -14.77 -6.95 28.60
N THR C 74 -13.95 -7.58 27.77
CA THR C 74 -14.44 -8.40 26.68
C THR C 74 -13.71 -9.73 26.66
N VAL C 75 -14.45 -10.81 26.44
CA VAL C 75 -13.91 -12.14 26.38
C VAL C 75 -14.27 -12.78 25.05
N TYR C 76 -13.22 -13.23 24.36
CA TYR C 76 -13.28 -13.84 23.05
C TYR C 76 -12.95 -15.30 23.25
N ALA C 77 -13.55 -16.17 22.43
CA ALA C 77 -13.22 -17.59 22.42
C ALA C 77 -12.76 -17.99 21.04
N ARG C 78 -11.77 -18.86 20.97
CA ARG C 78 -11.26 -19.34 19.69
C ARG C 78 -10.91 -20.82 19.76
N GLY C 79 -11.09 -21.51 18.64
CA GLY C 79 -10.73 -22.92 18.54
C GLY C 79 -10.89 -23.39 17.11
N TYR C 80 -11.00 -24.71 16.98
CA TYR C 80 -11.17 -25.37 15.70
C TYR C 80 -12.30 -26.35 15.78
N SER C 81 -13.03 -26.45 14.66
CA SER C 81 -14.11 -27.42 14.48
C SER C 81 -13.97 -27.92 13.06
N LYS C 82 -14.76 -28.96 12.74
CA LYS C 82 -14.77 -29.54 11.40
C LYS C 82 -15.39 -28.56 10.40
N GLN C 83 -16.24 -27.65 10.89
CA GLN C 83 -16.75 -26.50 10.12
C GLN C 83 -15.67 -25.46 9.80
N GLY C 84 -14.51 -25.56 10.47
CA GLY C 84 -13.37 -24.68 10.25
C GLY C 84 -13.05 -23.88 11.51
N PRO C 85 -12.42 -22.69 11.40
CA PRO C 85 -12.16 -21.86 12.58
C PRO C 85 -13.43 -21.55 13.37
N TYR C 86 -13.37 -21.73 14.70
CA TYR C 86 -14.45 -21.38 15.61
C TYR C 86 -14.13 -19.94 16.07
N LYS C 87 -14.97 -18.99 15.60
CA LYS C 87 -14.76 -17.57 15.78
C LYS C 87 -16.05 -16.89 16.22
N PRO C 88 -16.64 -17.30 17.36
CA PRO C 88 -17.87 -16.69 17.83
C PRO C 88 -17.70 -15.26 18.28
N SER C 89 -18.82 -14.53 18.29
CA SER C 89 -18.89 -13.18 18.82
C SER C 89 -18.49 -13.18 20.29
N PRO C 90 -17.77 -12.14 20.74
CA PRO C 90 -17.41 -12.00 22.16
C PRO C 90 -18.56 -11.43 22.97
N ILE C 91 -18.40 -11.49 24.30
CA ILE C 91 -19.33 -10.94 25.27
C ILE C 91 -18.55 -9.91 26.09
N SER C 92 -19.23 -8.81 26.45
CA SER C 92 -18.63 -7.72 27.19
C SER C 92 -19.48 -7.21 28.33
N ILE C 93 -18.82 -6.66 29.35
CA ILE C 93 -19.47 -5.90 30.41
C ILE C 93 -18.67 -4.63 30.70
N ASN C 94 -19.33 -3.70 31.40
CA ASN C 94 -18.70 -2.51 31.95
C ASN C 94 -18.66 -2.63 33.47
N TYR C 95 -17.56 -2.17 34.07
CA TYR C 95 -17.39 -2.21 35.52
C TYR C 95 -16.54 -1.04 36.01
N ARG C 96 -17.09 -0.38 37.06
CA ARG C 96 -16.49 0.60 37.96
C ARG C 96 -16.73 1.95 37.33
N THR C 97 -16.55 3.06 38.06
CA THR C 97 -16.88 4.37 37.47
C THR C 97 -15.98 5.49 37.92
N SER D 5 -6.57 33.33 -0.58
CA SER D 5 -5.46 34.30 -0.41
C SER D 5 -5.05 34.94 -1.75
N VAL D 6 -4.76 34.10 -2.75
CA VAL D 6 -4.59 34.50 -4.17
C VAL D 6 -5.53 33.67 -5.06
N PRO D 7 -6.26 34.26 -6.04
CA PRO D 7 -6.42 35.71 -6.22
C PRO D 7 -7.37 36.31 -5.20
N THR D 8 -7.71 37.58 -5.36
CA THR D 8 -8.51 38.30 -4.38
C THR D 8 -9.81 38.75 -5.01
N LYS D 9 -10.72 39.22 -4.16
CA LYS D 9 -11.97 39.84 -4.54
C LYS D 9 -12.75 38.99 -5.53
N LEU D 10 -12.96 37.73 -5.15
CA LEU D 10 -13.89 36.82 -5.82
C LEU D 10 -15.34 37.25 -5.53
N GLU D 11 -16.12 37.42 -6.60
CA GLU D 11 -17.51 37.83 -6.49
C GLU D 11 -18.32 37.30 -7.67
N VAL D 12 -19.64 37.18 -7.45
CA VAL D 12 -20.60 36.89 -8.49
C VAL D 12 -21.08 38.21 -9.07
N VAL D 13 -20.91 38.40 -10.39
CA VAL D 13 -21.28 39.62 -11.08
C VAL D 13 -22.56 39.48 -11.90
N ALA D 14 -22.92 38.26 -12.27
CA ALA D 14 -24.20 37.94 -12.94
C ALA D 14 -24.68 36.53 -12.62
N ALA D 15 -26.00 36.39 -12.44
CA ALA D 15 -26.63 35.12 -12.17
C ALA D 15 -27.88 34.87 -13.02
N THR D 16 -28.09 33.59 -13.34
CA THR D 16 -29.32 33.07 -13.93
C THR D 16 -29.65 31.92 -12.98
N PRO D 17 -30.85 31.31 -13.05
CA PRO D 17 -31.14 30.15 -12.22
C PRO D 17 -30.20 28.93 -12.39
N THR D 18 -29.60 28.77 -13.57
CA THR D 18 -28.73 27.62 -13.87
C THR D 18 -27.25 27.97 -14.00
N SER D 19 -26.89 29.25 -13.85
CA SER D 19 -25.53 29.69 -14.18
C SER D 19 -25.05 30.93 -13.41
N LEU D 20 -23.74 31.00 -13.21
CA LEU D 20 -23.11 32.13 -12.53
C LEU D 20 -21.92 32.61 -13.35
N LEU D 21 -21.80 33.95 -13.41
CA LEU D 21 -20.63 34.62 -13.93
C LEU D 21 -19.87 35.14 -12.72
N ILE D 22 -18.65 34.64 -12.54
CA ILE D 22 -17.82 35.05 -11.42
C ILE D 22 -16.67 35.87 -11.98
N SER D 23 -16.06 36.65 -11.10
CA SER D 23 -14.98 37.57 -11.41
C SER D 23 -14.06 37.61 -10.20
N TRP D 24 -12.77 37.81 -10.47
CA TRP D 24 -11.77 37.98 -9.43
C TRP D 24 -10.69 38.94 -9.90
N ASP D 25 -9.77 39.28 -9.00
CA ASP D 25 -8.61 40.10 -9.32
C ASP D 25 -7.35 39.25 -9.39
N ALA D 26 -6.67 39.31 -10.53
CA ALA D 26 -5.37 38.69 -10.75
C ALA D 26 -4.34 39.18 -9.74
N PRO D 27 -3.33 38.36 -9.39
CA PRO D 27 -2.20 38.83 -8.59
C PRO D 27 -1.20 39.58 -9.48
N ALA D 28 -0.15 40.11 -8.86
CA ALA D 28 0.91 40.83 -9.55
C ALA D 28 1.74 39.91 -10.48
N VAL D 29 2.04 38.70 -10.04
CA VAL D 29 2.81 37.74 -10.84
C VAL D 29 1.98 37.12 -11.96
N THR D 30 2.68 36.63 -13.00
CA THR D 30 2.02 35.92 -14.10
C THR D 30 1.69 34.51 -13.63
N VAL D 31 0.52 34.01 -14.07
CA VAL D 31 -0.02 32.73 -13.64
C VAL D 31 -0.25 31.83 -14.86
N PHE D 32 -0.07 30.52 -14.68
CA PHE D 32 -0.27 29.55 -15.73
C PHE D 32 -1.77 29.37 -16.00
N PHE D 33 -2.54 29.12 -14.93
CA PHE D 33 -3.98 28.92 -15.03
C PHE D 33 -4.70 29.14 -13.70
N TYR D 34 -6.02 29.31 -13.76
CA TYR D 34 -6.86 29.20 -12.59
C TYR D 34 -7.74 27.96 -12.71
N VAL D 35 -7.98 27.28 -11.58
CA VAL D 35 -8.97 26.22 -11.48
C VAL D 35 -10.14 26.73 -10.62
N ILE D 36 -11.35 26.60 -11.16
CA ILE D 36 -12.59 26.97 -10.49
C ILE D 36 -13.26 25.68 -10.06
N THR D 37 -13.75 25.66 -8.81
CA THR D 37 -14.50 24.53 -8.27
C THR D 37 -15.83 25.00 -7.73
N TYR D 38 -16.83 24.12 -7.81
CA TYR D 38 -18.15 24.40 -7.30
C TYR D 38 -18.78 23.09 -6.83
N GLY D 39 -19.43 23.17 -5.67
CA GLY D 39 -20.24 22.12 -5.08
C GLY D 39 -21.19 22.75 -4.08
N GLU D 40 -22.14 21.96 -3.58
CA GLU D 40 -23.11 22.42 -2.60
C GLU D 40 -22.38 22.74 -1.31
N THR D 41 -22.85 23.78 -0.63
CA THR D 41 -22.25 24.25 0.62
C THR D 41 -22.14 23.09 1.62
N GLY D 42 -20.96 22.93 2.21
CA GLY D 42 -20.64 21.84 3.12
C GLY D 42 -20.58 20.44 2.51
N HIS D 43 -20.29 20.34 1.21
CA HIS D 43 -20.09 19.05 0.56
C HIS D 43 -18.90 18.29 1.17
N GLY D 44 -18.99 16.96 1.16
CA GLY D 44 -17.90 16.10 1.58
C GLY D 44 -16.72 16.12 0.64
N VAL D 45 -15.59 15.61 1.11
CA VAL D 45 -14.38 15.45 0.30
C VAL D 45 -14.75 14.84 -1.07
N GLY D 46 -14.31 15.50 -2.14
CA GLY D 46 -14.50 15.08 -3.51
C GLY D 46 -15.81 15.43 -4.21
N ALA D 47 -16.79 15.95 -3.47
CA ALA D 47 -18.15 16.15 -4.01
C ALA D 47 -18.29 17.56 -4.59
N PHE D 48 -17.51 17.79 -5.66
CA PHE D 48 -17.49 19.04 -6.40
C PHE D 48 -17.14 18.78 -7.86
N GLN D 49 -17.34 19.81 -8.69
CA GLN D 49 -16.90 19.79 -10.06
C GLN D 49 -15.90 20.91 -10.27
N ALA D 50 -15.03 20.76 -11.27
CA ALA D 50 -13.94 21.67 -11.49
C ALA D 50 -13.67 21.81 -12.97
N PHE D 51 -13.30 23.03 -13.39
CA PHE D 51 -12.76 23.25 -14.71
C PHE D 51 -11.67 24.32 -14.60
N LYS D 52 -10.93 24.48 -15.70
CA LYS D 52 -9.74 25.31 -15.75
C LYS D 52 -10.01 26.48 -16.71
N VAL D 53 -9.39 27.63 -16.42
CA VAL D 53 -9.44 28.79 -17.29
C VAL D 53 -8.01 29.31 -17.40
N PRO D 54 -7.61 29.84 -18.58
CA PRO D 54 -6.27 30.40 -18.75
C PRO D 54 -5.96 31.54 -17.77
N GLY D 55 -4.66 31.74 -17.49
CA GLY D 55 -4.19 32.76 -16.58
C GLY D 55 -4.40 34.18 -17.04
N SER D 56 -4.74 34.33 -18.32
CA SER D 56 -5.12 35.61 -18.89
C SER D 56 -6.56 36.02 -18.57
N LYS D 57 -7.37 35.11 -18.04
CA LYS D 57 -8.75 35.41 -17.71
C LYS D 57 -8.86 35.83 -16.26
N SER D 58 -9.88 36.62 -15.95
CA SER D 58 -10.24 36.96 -14.58
C SER D 58 -11.77 36.91 -14.37
N THR D 59 -12.42 36.06 -15.17
CA THR D 59 -13.85 35.75 -15.06
C THR D 59 -14.06 34.34 -15.59
N ALA D 60 -15.23 33.77 -15.28
CA ALA D 60 -15.64 32.46 -15.79
C ALA D 60 -17.13 32.27 -15.57
N THR D 61 -17.73 31.39 -16.39
CA THR D 61 -19.13 31.01 -16.27
C THR D 61 -19.20 29.57 -15.74
N ILE D 62 -20.05 29.38 -14.73
CA ILE D 62 -20.41 28.07 -14.22
C ILE D 62 -21.83 27.76 -14.66
N SER D 63 -22.02 26.62 -15.34
CA SER D 63 -23.29 26.19 -15.87
C SER D 63 -23.82 24.89 -15.25
N GLY D 64 -25.09 24.60 -15.58
CA GLY D 64 -25.77 23.42 -15.10
C GLY D 64 -25.99 23.38 -13.62
N LEU D 65 -26.18 24.55 -12.99
CA LEU D 65 -26.50 24.59 -11.56
C LEU D 65 -28.00 24.34 -11.34
N LYS D 66 -28.35 23.85 -10.16
CA LYS D 66 -29.75 23.62 -9.79
C LYS D 66 -30.31 24.91 -9.23
N PRO D 67 -31.50 25.36 -9.68
CA PRO D 67 -32.08 26.61 -9.17
C PRO D 67 -32.42 26.55 -7.67
N GLY D 68 -32.07 27.62 -6.94
CA GLY D 68 -32.36 27.74 -5.53
C GLY D 68 -31.44 27.01 -4.57
N VAL D 69 -30.36 26.41 -5.08
CA VAL D 69 -29.37 25.69 -4.26
C VAL D 69 -28.19 26.60 -3.90
N ASP D 70 -27.68 26.43 -2.67
CA ASP D 70 -26.51 27.15 -2.17
C ASP D 70 -25.21 26.41 -2.54
N TYR D 71 -24.30 27.12 -3.21
CA TYR D 71 -23.05 26.57 -3.71
C TYR D 71 -21.83 27.24 -3.11
N THR D 72 -20.76 26.46 -2.91
CA THR D 72 -19.45 27.00 -2.58
C THR D 72 -18.62 27.05 -3.85
N ILE D 73 -18.04 28.21 -4.13
CA ILE D 73 -17.23 28.46 -5.31
C ILE D 73 -15.82 28.81 -4.88
N THR D 74 -14.83 28.15 -5.48
CA THR D 74 -13.45 28.32 -5.08
C THR D 74 -12.57 28.50 -6.30
N VAL D 75 -11.61 29.40 -6.20
CA VAL D 75 -10.68 29.68 -7.27
C VAL D 75 -9.25 29.50 -6.79
N TYR D 76 -8.50 28.67 -7.52
CA TYR D 76 -7.13 28.35 -7.25
C TYR D 76 -6.29 29.02 -8.32
N ALA D 77 -5.09 29.46 -7.97
CA ALA D 77 -4.13 29.96 -8.96
C ALA D 77 -2.86 29.10 -8.93
N ARG D 78 -2.30 28.81 -10.10
CA ARG D 78 -1.05 28.08 -10.15
C ARG D 78 -0.12 28.67 -11.21
N GLY D 79 1.19 28.60 -10.95
CA GLY D 79 2.21 28.96 -11.92
C GLY D 79 3.59 28.63 -11.41
N TYR D 80 4.60 29.34 -11.91
CA TYR D 80 5.98 29.14 -11.52
C TYR D 80 6.65 30.46 -11.24
N SER D 81 7.63 30.42 -10.34
CA SER D 81 8.61 31.47 -10.14
C SER D 81 9.97 30.79 -10.00
N LYS D 82 11.02 31.59 -9.95
CA LYS D 82 12.39 31.12 -9.75
C LYS D 82 12.56 30.53 -8.36
N GLN D 83 11.72 30.97 -7.41
CA GLN D 83 11.60 30.38 -6.07
C GLN D 83 10.97 28.98 -6.11
N GLY D 84 10.35 28.61 -7.23
CA GLY D 84 9.73 27.32 -7.43
C GLY D 84 8.23 27.45 -7.68
N PRO D 85 7.46 26.35 -7.57
CA PRO D 85 6.02 26.39 -7.85
C PRO D 85 5.28 27.45 -7.04
N TYR D 86 4.43 28.20 -7.73
CA TYR D 86 3.52 29.15 -7.11
C TYR D 86 2.22 28.40 -6.79
N LYS D 87 1.97 28.20 -5.50
CA LYS D 87 0.85 27.37 -5.01
C LYS D 87 0.14 28.10 -3.87
N PRO D 88 -0.39 29.31 -4.11
CA PRO D 88 -1.09 30.04 -3.06
C PRO D 88 -2.40 29.40 -2.64
N SER D 89 -2.82 29.72 -1.41
CA SER D 89 -4.14 29.35 -0.90
C SER D 89 -5.23 29.91 -1.80
N PRO D 90 -6.33 29.16 -1.99
CA PRO D 90 -7.46 29.63 -2.78
C PRO D 90 -8.36 30.55 -1.98
N ILE D 91 -9.31 31.19 -2.68
CA ILE D 91 -10.31 32.06 -2.11
C ILE D 91 -11.67 31.46 -2.48
N SER D 92 -12.65 31.56 -1.58
CA SER D 92 -13.98 30.99 -1.80
C SER D 92 -15.10 31.93 -1.40
N ILE D 93 -16.28 31.74 -2.02
CA ILE D 93 -17.52 32.36 -1.59
C ILE D 93 -18.66 31.36 -1.64
N ASN D 94 -19.78 31.70 -0.99
CA ASN D 94 -21.04 30.97 -1.12
C ASN D 94 -22.04 31.86 -1.84
N TYR D 95 -22.91 31.25 -2.64
CA TYR D 95 -23.93 31.96 -3.39
C TYR D 95 -25.13 31.04 -3.66
N ARG D 96 -26.33 31.57 -3.40
CA ARG D 96 -27.58 30.84 -3.64
C ARG D 96 -28.11 31.13 -5.04
N THR D 97 -28.35 30.06 -5.80
CA THR D 97 -29.01 30.10 -7.09
C THR D 97 -28.37 29.38 -8.26
N MET E 2 -4.60 26.05 11.20
CA MET E 2 -3.76 24.84 10.90
C MET E 2 -2.32 25.05 11.37
N THR E 3 -1.83 24.13 12.21
CA THR E 3 -0.50 24.24 12.81
C THR E 3 0.63 24.08 11.80
N GLU E 4 1.61 24.98 11.88
CA GLU E 4 2.80 24.95 11.06
C GLU E 4 3.99 24.56 11.92
N TYR E 5 4.86 23.69 11.38
CA TYR E 5 6.07 23.25 12.05
C TYR E 5 7.26 23.65 11.18
N LYS E 6 8.21 24.37 11.78
CA LYS E 6 9.43 24.78 11.11
C LYS E 6 10.53 23.77 11.40
N LEU E 7 10.86 22.95 10.39
CA LEU E 7 11.87 21.92 10.51
C LEU E 7 13.12 22.33 9.76
N VAL E 8 14.27 22.07 10.36
CA VAL E 8 15.56 22.34 9.73
C VAL E 8 16.37 21.03 9.64
N VAL E 9 16.94 20.77 8.47
CA VAL E 9 17.77 19.61 8.23
C VAL E 9 19.24 20.07 8.18
N VAL E 10 20.03 19.62 9.16
CA VAL E 10 21.43 19.98 9.27
C VAL E 10 22.32 18.74 9.25
N GLY E 11 23.61 18.96 8.98
CA GLY E 11 24.59 17.91 8.87
C GLY E 11 25.67 18.26 7.87
N ALA E 12 26.68 17.40 7.80
CA ALA E 12 27.84 17.66 6.99
C ALA E 12 27.51 17.62 5.50
N CYS E 13 28.49 18.02 4.69
CA CYS E 13 28.37 18.00 3.25
C CYS E 13 28.25 16.59 2.69
N GLY E 14 27.31 16.43 1.74
CA GLY E 14 27.13 15.21 0.98
C GLY E 14 26.48 14.02 1.64
N VAL E 15 25.91 14.22 2.84
CA VAL E 15 25.28 13.14 3.62
C VAL E 15 23.88 12.76 3.15
N GLY E 16 23.22 13.65 2.40
CA GLY E 16 21.95 13.41 1.79
C GLY E 16 20.77 14.24 2.31
N LYS E 17 21.06 15.40 2.91
CA LYS E 17 20.02 16.31 3.43
C LYS E 17 19.03 16.73 2.36
N SER E 18 19.54 17.04 1.16
CA SER E 18 18.70 17.45 0.04
C SER E 18 17.87 16.29 -0.49
N ALA E 19 18.54 15.15 -0.75
CA ALA E 19 17.89 13.96 -1.24
C ALA E 19 16.77 13.50 -0.29
N LEU E 20 17.03 13.53 1.02
CA LEU E 20 16.03 13.18 2.00
C LEU E 20 14.80 14.08 1.89
N THR E 21 15.04 15.40 1.83
CA THR E 21 13.96 16.39 1.87
C THR E 21 13.09 16.31 0.60
N ILE E 22 13.76 16.19 -0.55
CA ILE E 22 13.09 16.08 -1.83
C ILE E 22 12.28 14.78 -1.92
N GLN E 23 12.83 13.70 -1.35
CA GLN E 23 12.16 12.41 -1.30
C GLN E 23 10.83 12.56 -0.53
N LEU E 24 10.86 13.27 0.60
CA LEU E 24 9.66 13.48 1.40
C LEU E 24 8.64 14.34 0.69
N ILE E 25 9.10 15.38 0.01
CA ILE E 25 8.26 16.43 -0.55
C ILE E 25 7.76 16.07 -1.97
N GLN E 26 8.64 15.49 -2.79
CA GLN E 26 8.39 15.23 -4.20
C GLN E 26 8.35 13.73 -4.57
N ASN E 27 8.63 12.85 -3.61
CA ASN E 27 8.66 11.40 -3.86
C ASN E 27 9.56 11.03 -5.03
N HIS E 28 10.78 11.57 -5.01
CA HIS E 28 11.75 11.38 -6.06
C HIS E 28 13.17 11.43 -5.50
N PHE E 29 14.02 10.56 -6.02
CA PHE E 29 15.42 10.48 -5.63
C PHE E 29 16.25 11.32 -6.60
N VAL E 30 17.01 12.28 -6.05
CA VAL E 30 17.92 13.12 -6.79
C VAL E 30 19.29 12.47 -6.75
N ASP E 31 19.72 11.82 -7.84
CA ASP E 31 21.01 11.13 -7.87
C ASP E 31 22.21 12.02 -8.24
N GLU E 32 21.95 13.24 -8.75
CA GLU E 32 23.02 14.19 -9.08
C GLU E 32 23.37 14.99 -7.83
N TYR E 33 24.67 15.21 -7.61
CA TYR E 33 25.14 16.01 -6.47
C TYR E 33 25.20 17.46 -6.84
N ASP E 34 24.36 18.26 -6.19
CA ASP E 34 24.32 19.71 -6.38
C ASP E 34 24.40 20.39 -5.01
N PRO E 35 25.63 20.71 -4.52
CA PRO E 35 25.79 21.36 -3.22
C PRO E 35 24.84 22.55 -3.02
N THR E 36 24.11 22.52 -1.91
CA THR E 36 23.07 23.50 -1.63
C THR E 36 23.59 24.79 -1.04
N ILE E 37 22.97 25.91 -1.41
CA ILE E 37 23.18 27.18 -0.70
C ILE E 37 22.10 27.32 0.35
N GLU E 38 20.85 27.41 -0.09
CA GLU E 38 19.67 27.38 0.81
C GLU E 38 18.43 27.04 -0.01
N ASP E 39 17.60 26.12 0.51
CA ASP E 39 16.37 25.67 -0.15
C ASP E 39 15.27 25.51 0.89
N SER E 40 14.08 26.02 0.58
CA SER E 40 12.94 25.95 1.49
C SER E 40 11.78 25.20 0.80
N TYR E 41 11.07 24.33 1.54
CA TYR E 41 9.96 23.52 1.01
C TYR E 41 8.77 23.56 2.00
N ARG E 42 7.57 23.39 1.48
CA ARG E 42 6.33 23.48 2.26
C ARG E 42 5.44 22.37 1.80
N LYS E 43 4.81 21.66 2.75
CA LYS E 43 3.95 20.53 2.43
C LYS E 43 2.92 20.28 3.53
N GLN E 44 1.66 20.16 3.13
CA GLN E 44 0.57 19.78 4.04
C GLN E 44 0.54 18.26 4.14
N VAL E 45 0.54 17.74 5.37
CA VAL E 45 0.48 16.31 5.61
C VAL E 45 -0.42 16.03 6.81
N VAL E 46 -0.74 14.76 7.00
CA VAL E 46 -1.46 14.28 8.17
C VAL E 46 -0.51 13.39 8.94
N ILE E 47 -0.29 13.73 10.22
CA ILE E 47 0.59 12.96 11.11
C ILE E 47 -0.22 12.56 12.32
N ASP E 48 -0.34 11.24 12.54
CA ASP E 48 -1.09 10.66 13.65
C ASP E 48 -2.52 11.20 13.67
N GLY E 49 -3.12 11.34 12.50
CA GLY E 49 -4.46 11.86 12.33
C GLY E 49 -4.66 13.36 12.47
N GLU E 50 -3.61 14.11 12.86
CA GLU E 50 -3.70 15.58 12.93
C GLU E 50 -3.02 16.22 11.70
N THR E 51 -3.79 17.06 11.00
CA THR E 51 -3.35 17.74 9.78
C THR E 51 -2.50 18.97 10.14
N CYS E 52 -1.39 19.15 9.42
CA CYS E 52 -0.41 20.19 9.74
C CYS E 52 0.44 20.54 8.53
N LEU E 53 1.10 21.70 8.59
CA LEU E 53 1.95 22.21 7.52
C LEU E 53 3.43 22.10 7.93
N LEU E 54 4.20 21.39 7.11
CA LEU E 54 5.66 21.25 7.27
C LEU E 54 6.36 22.33 6.46
N ASP E 55 7.13 23.16 7.18
CA ASP E 55 7.95 24.20 6.60
C ASP E 55 9.40 23.79 6.80
N ILE E 56 10.02 23.25 5.74
CA ILE E 56 11.30 22.57 5.84
C ILE E 56 12.41 23.37 5.17
N LEU E 57 13.44 23.69 5.95
CA LEU E 57 14.64 24.33 5.42
C LEU E 57 15.76 23.30 5.25
N ASP E 58 16.23 23.12 4.02
CA ASP E 58 17.33 22.22 3.68
C ASP E 58 18.63 23.04 3.60
N THR E 59 19.45 22.95 4.66
CA THR E 59 20.61 23.82 4.82
C THR E 59 21.83 23.33 4.07
N ALA E 60 22.82 24.22 3.97
CA ALA E 60 24.11 23.90 3.39
C ALA E 60 24.89 23.22 4.49
N GLY E 61 25.56 22.12 4.14
CA GLY E 61 26.41 21.41 5.08
C GLY E 61 27.57 22.28 5.52
N GLN E 62 27.95 22.15 6.79
CA GLN E 62 29.17 22.78 7.32
C GLN E 62 29.17 24.32 7.09
N GLU E 63 28.05 24.96 7.43
CA GLU E 63 27.77 26.36 7.11
C GLU E 63 28.94 27.30 7.38
N GLU E 64 29.34 28.04 6.35
CA GLU E 64 30.51 28.93 6.37
C GLU E 64 30.26 30.26 7.08
N TYR E 65 29.02 30.73 7.06
CA TYR E 65 28.65 32.01 7.63
C TYR E 65 27.76 31.83 8.85
N SER E 66 28.27 32.25 10.01
CA SER E 66 27.60 32.06 11.29
C SER E 66 26.25 32.83 11.37
N ALA E 67 26.18 33.96 10.67
CA ALA E 67 24.98 34.77 10.69
C ALA E 67 23.83 34.06 10.00
N MET E 68 24.13 33.26 8.96
CA MET E 68 23.16 32.36 8.32
C MET E 68 22.72 31.27 9.28
N ARG E 69 23.70 30.55 9.84
CA ARG E 69 23.44 29.44 10.75
C ARG E 69 22.58 29.85 11.92
N ASP E 70 22.95 30.97 12.55
CA ASP E 70 22.28 31.45 13.75
C ASP E 70 20.80 31.80 13.48
N GLN E 71 20.52 32.26 12.26
CA GLN E 71 19.17 32.65 11.89
C GLN E 71 18.22 31.45 11.85
N TYR E 72 18.59 30.40 11.10
CA TYR E 72 17.72 29.24 10.99
C TYR E 72 17.67 28.34 12.21
N MET E 73 18.72 28.37 13.03
CA MET E 73 18.72 27.68 14.32
C MET E 73 17.84 28.38 15.35
N ARG E 74 17.63 29.69 15.20
CA ARG E 74 16.76 30.44 16.11
C ARG E 74 15.27 30.21 15.81
N THR E 75 14.91 30.15 14.52
CA THR E 75 13.51 30.02 14.10
C THR E 75 12.98 28.59 14.01
N GLY E 76 13.87 27.62 13.74
CA GLY E 76 13.50 26.21 13.65
C GLY E 76 12.92 25.70 14.97
N GLU E 77 11.84 24.92 14.88
CA GLU E 77 11.26 24.26 16.05
C GLU E 77 11.83 22.84 16.22
N GLY E 78 12.29 22.24 15.12
CA GLY E 78 12.84 20.90 15.16
C GLY E 78 13.95 20.69 14.15
N PHE E 79 14.91 19.84 14.53
CA PHE E 79 16.13 19.64 13.74
C PHE E 79 16.37 18.17 13.46
N LEU E 80 16.45 17.83 12.18
CA LEU E 80 16.99 16.55 11.76
C LEU E 80 18.50 16.70 11.69
N CYS E 81 19.21 16.00 12.57
CA CYS E 81 20.66 15.95 12.51
C CYS E 81 21.08 14.69 11.71
N VAL E 82 21.61 14.94 10.52
CA VAL E 82 21.86 13.90 9.55
C VAL E 82 23.36 13.63 9.40
N PHE E 83 23.72 12.34 9.41
CA PHE E 83 25.03 11.89 9.00
C PHE E 83 24.86 10.75 8.04
N ALA E 84 25.97 10.29 7.47
CA ALA E 84 25.98 9.22 6.50
C ALA E 84 26.78 8.10 7.11
N ILE E 85 26.28 6.88 6.92
CA ILE E 85 26.87 5.69 7.53
C ILE E 85 28.19 5.23 6.89
N ASN E 86 28.57 5.84 5.76
CA ASN E 86 29.87 5.62 5.12
C ASN E 86 30.86 6.78 5.39
N ASN E 87 30.53 7.64 6.36
CA ASN E 87 31.26 8.87 6.65
C ASN E 87 31.40 9.11 8.15
N THR E 88 32.48 8.58 8.73
CA THR E 88 32.72 8.69 10.18
C THR E 88 32.84 10.13 10.64
N LYS E 89 33.49 10.96 9.83
CA LYS E 89 33.61 12.39 10.12
C LYS E 89 32.21 13.05 10.34
N SER E 90 31.25 12.70 9.47
CA SER E 90 29.92 13.29 9.52
C SER E 90 29.22 12.90 10.82
N PHE E 91 29.53 11.70 11.31
CA PHE E 91 29.02 11.18 12.56
C PHE E 91 29.55 11.99 13.76
N GLU E 92 30.87 12.20 13.80
CA GLU E 92 31.53 12.98 14.86
C GLU E 92 31.09 14.46 14.85
N ASP E 93 30.84 14.98 13.64
CA ASP E 93 30.34 16.34 13.45
C ASP E 93 28.99 16.59 14.14
N ILE E 94 28.17 15.55 14.29
CA ILE E 94 26.85 15.69 14.88
C ILE E 94 26.94 16.45 16.18
N HIS E 95 27.97 16.16 16.99
CA HIS E 95 28.10 16.75 18.32
C HIS E 95 28.12 18.28 18.25
N GLN E 96 28.85 18.81 17.27
CA GLN E 96 28.96 20.25 17.06
C GLN E 96 27.64 20.88 16.66
N TYR E 97 26.91 20.23 15.74
CA TYR E 97 25.61 20.72 15.29
C TYR E 97 24.64 20.84 16.47
N ARG E 98 24.65 19.81 17.33
CA ARG E 98 23.82 19.82 18.50
C ARG E 98 24.21 20.96 19.43
N GLU E 99 25.52 21.11 19.68
CA GLU E 99 26.06 22.18 20.53
C GLU E 99 25.63 23.57 20.02
N GLN E 100 25.77 23.78 18.71
CA GLN E 100 25.40 25.04 18.08
C GLN E 100 23.94 25.36 18.31
N ILE E 101 23.07 24.37 18.08
CA ILE E 101 21.63 24.54 18.24
C ILE E 101 21.30 24.92 19.69
N LYS E 102 21.86 24.14 20.62
CA LYS E 102 21.67 24.36 22.05
C LYS E 102 22.08 25.78 22.45
N ARG E 103 23.21 26.23 21.89
CA ARG E 103 23.76 27.55 22.16
C ARG E 103 22.84 28.67 21.72
N VAL E 104 22.29 28.56 20.50
CA VAL E 104 21.38 29.57 19.97
C VAL E 104 20.01 29.56 20.69
N LYS E 105 19.53 28.35 21.04
CA LYS E 105 18.27 28.20 21.73
C LYS E 105 18.35 28.59 23.20
N ASP E 106 19.53 28.36 23.80
CA ASP E 106 19.73 28.44 25.25
C ASP E 106 18.86 27.37 25.95
N SER E 107 19.08 26.11 25.58
CA SER E 107 18.30 24.98 26.09
C SER E 107 18.98 23.63 25.81
N ASP E 108 18.70 22.65 26.67
CA ASP E 108 19.17 21.28 26.48
C ASP E 108 18.15 20.42 25.73
N ASP E 109 16.86 20.68 25.97
CA ASP E 109 15.77 19.89 25.38
C ASP E 109 15.14 20.60 24.17
N VAL E 110 15.80 20.46 23.03
CA VAL E 110 15.31 20.98 21.76
C VAL E 110 14.92 19.77 20.93
N PRO E 111 13.70 19.72 20.34
CA PRO E 111 13.27 18.59 19.54
C PRO E 111 14.26 18.29 18.42
N MET E 112 14.72 17.04 18.38
CA MET E 112 15.77 16.61 17.47
C MET E 112 15.63 15.13 17.18
N VAL E 113 16.06 14.74 15.98
CA VAL E 113 16.16 13.33 15.61
C VAL E 113 17.48 13.08 14.93
N LEU E 114 18.16 12.01 15.35
CA LEU E 114 19.42 11.62 14.77
C LEU E 114 19.11 10.72 13.59
N VAL E 115 19.64 11.07 12.42
CA VAL E 115 19.38 10.34 11.18
C VAL E 115 20.67 9.80 10.52
N GLY E 116 20.75 8.49 10.36
CA GLY E 116 21.85 7.85 9.65
C GLY E 116 21.45 7.46 8.25
N ASN E 117 21.91 8.22 7.26
CA ASN E 117 21.48 8.06 5.86
C ASN E 117 22.44 7.17 5.06
N LYS E 118 21.99 6.77 3.86
CA LYS E 118 22.72 5.95 2.91
C LYS E 118 22.84 4.51 3.37
N CYS E 119 21.79 4.01 4.02
CA CYS E 119 21.79 2.68 4.64
C CYS E 119 21.76 1.57 3.61
N ASP E 120 21.35 1.92 2.38
CA ASP E 120 21.46 1.08 1.19
C ASP E 120 22.90 0.74 0.75
N LEU E 121 23.90 1.47 1.25
CA LEU E 121 25.29 1.20 0.88
C LEU E 121 25.82 0.00 1.64
N ALA E 122 26.61 -0.83 0.93
CA ALA E 122 27.17 -2.06 1.49
C ALA E 122 28.30 -1.79 2.52
N ALA E 123 29.36 -1.11 2.08
CA ALA E 123 30.52 -0.81 2.92
C ALA E 123 30.23 0.36 3.87
N ARG E 124 29.96 0.01 5.13
CA ARG E 124 29.52 0.92 6.16
C ARG E 124 30.69 1.10 7.13
N THR E 125 30.91 2.33 7.61
CA THR E 125 32.00 2.65 8.53
C THR E 125 31.53 3.15 9.90
N VAL E 126 30.25 3.51 10.03
CA VAL E 126 29.61 3.84 11.31
C VAL E 126 28.57 2.78 11.60
N GLU E 127 28.71 2.08 12.72
CA GLU E 127 27.79 1.00 13.11
C GLU E 127 26.55 1.53 13.83
N SER E 128 25.42 0.84 13.66
CA SER E 128 24.14 1.18 14.31
C SER E 128 24.28 1.35 15.82
N ARG E 129 25.05 0.42 16.43
CA ARG E 129 25.37 0.45 17.85
C ARG E 129 25.87 1.84 18.26
N GLN E 130 26.89 2.34 17.57
CA GLN E 130 27.49 3.64 17.87
C GLN E 130 26.44 4.74 17.88
N ALA E 131 25.57 4.74 16.87
CA ALA E 131 24.59 5.79 16.67
C ALA E 131 23.47 5.69 17.70
N GLN E 132 23.05 4.45 18.01
CA GLN E 132 22.09 4.17 19.06
C GLN E 132 22.58 4.74 20.39
N ASP E 133 23.87 4.50 20.69
CA ASP E 133 24.50 5.01 21.91
C ASP E 133 24.48 6.53 21.97
N LEU E 134 24.91 7.16 20.87
CA LEU E 134 24.97 8.61 20.79
C LEU E 134 23.56 9.19 21.03
N ALA E 135 22.58 8.64 20.34
CA ALA E 135 21.19 9.08 20.44
C ALA E 135 20.73 8.96 21.88
N ARG E 136 21.00 7.79 22.47
CA ARG E 136 20.68 7.49 23.86
C ARG E 136 21.20 8.58 24.80
N SER E 137 22.50 8.93 24.67
CA SER E 137 23.12 9.93 25.53
C SER E 137 22.53 11.33 25.37
N TYR E 138 22.05 11.66 24.17
CA TYR E 138 21.35 12.93 23.90
C TYR E 138 19.87 12.89 24.34
N GLY E 139 19.32 11.68 24.43
CA GLY E 139 17.92 11.45 24.77
C GLY E 139 16.97 11.76 23.63
N ILE E 140 17.34 11.31 22.42
CA ILE E 140 16.55 11.53 21.20
C ILE E 140 16.44 10.23 20.39
N PRO E 141 15.44 10.10 19.49
CA PRO E 141 15.35 8.93 18.62
C PRO E 141 16.49 8.86 17.60
N TYR E 142 16.79 7.63 17.14
CA TYR E 142 17.67 7.35 16.01
C TYR E 142 16.88 6.65 14.90
N ILE E 143 16.99 7.14 13.66
CA ILE E 143 16.32 6.56 12.52
C ILE E 143 17.31 6.31 11.38
N GLU E 144 17.45 5.06 10.97
CA GLU E 144 18.24 4.70 9.80
C GLU E 144 17.41 4.98 8.57
N THR E 145 18.00 5.68 7.59
CA THR E 145 17.33 6.08 6.34
C THR E 145 18.18 5.76 5.11
N SER E 146 17.49 5.66 3.96
CA SER E 146 18.07 5.79 2.64
C SER E 146 17.11 6.63 1.80
N ALA E 147 17.61 7.75 1.27
CA ALA E 147 16.89 8.59 0.32
C ALA E 147 16.73 7.89 -1.04
N LYS E 148 17.62 6.93 -1.32
CA LYS E 148 17.61 6.14 -2.54
C LYS E 148 16.42 5.19 -2.60
N THR E 149 16.25 4.40 -1.55
CA THR E 149 15.17 3.42 -1.46
C THR E 149 13.90 3.90 -0.73
N ARG E 150 13.96 5.08 -0.11
CA ARG E 150 12.89 5.59 0.76
C ARG E 150 12.79 4.95 2.15
N GLN E 151 13.67 4.01 2.47
CA GLN E 151 13.73 3.44 3.81
C GLN E 151 13.77 4.58 4.82
N GLY E 152 12.79 4.62 5.70
CA GLY E 152 12.78 5.47 6.87
C GLY E 152 12.60 6.96 6.69
N VAL E 153 12.35 7.41 5.46
CA VAL E 153 12.29 8.84 5.19
C VAL E 153 11.11 9.49 5.89
N GLU E 154 9.89 9.01 5.63
CA GLU E 154 8.70 9.49 6.33
C GLU E 154 8.84 9.37 7.86
N ASP E 155 9.41 8.25 8.32
CA ASP E 155 9.62 7.98 9.75
C ASP E 155 10.42 9.13 10.41
N ALA E 156 11.52 9.51 9.78
CA ALA E 156 12.42 10.55 10.31
C ALA E 156 11.68 11.87 10.57
N PHE E 157 11.04 12.42 9.53
CA PHE E 157 10.40 13.72 9.59
C PHE E 157 9.18 13.72 10.51
N TYR E 158 8.39 12.65 10.44
CA TYR E 158 7.14 12.55 11.20
C TYR E 158 7.46 12.34 12.67
N THR E 159 8.53 11.59 12.96
CA THR E 159 9.03 11.43 14.33
C THR E 159 9.49 12.76 14.92
N LEU E 160 10.14 13.59 14.08
CA LEU E 160 10.56 14.91 14.50
C LEU E 160 9.35 15.73 14.89
N VAL E 161 8.29 15.66 14.08
CA VAL E 161 7.05 16.35 14.39
C VAL E 161 6.45 15.83 15.72
N ARG E 162 6.53 14.52 15.91
CA ARG E 162 6.05 13.89 17.14
C ARG E 162 6.81 14.41 18.36
N GLU E 163 8.11 14.66 18.19
CA GLU E 163 8.96 15.14 19.27
C GLU E 163 8.62 16.58 19.67
N ILE E 164 8.29 17.41 18.67
CA ILE E 164 7.87 18.79 18.92
C ILE E 164 6.57 18.81 19.71
N ARG E 165 5.61 17.97 19.28
CA ARG E 165 4.38 17.71 20.04
C ARG E 165 4.88 16.86 21.22
N GLN E 166 4.35 17.09 22.42
CA GLN E 166 5.03 16.59 23.62
C GLN E 166 6.29 17.44 23.82
N SER F 5 34.16 23.89 -17.13
CA SER F 5 34.11 23.77 -15.63
C SER F 5 34.75 24.96 -14.93
N VAL F 6 34.23 25.27 -13.74
CA VAL F 6 34.42 26.59 -13.09
C VAL F 6 35.70 26.83 -12.28
N PRO F 7 36.04 25.99 -11.27
CA PRO F 7 37.44 25.89 -10.88
C PRO F 7 38.13 25.14 -12.01
N THR F 8 39.32 25.59 -12.37
CA THR F 8 40.13 24.96 -13.39
C THR F 8 41.40 24.50 -12.76
N LYS F 9 42.15 23.70 -13.52
CA LYS F 9 43.51 23.26 -13.18
C LYS F 9 43.55 22.64 -11.77
N LEU F 10 42.65 21.67 -11.55
CA LEU F 10 42.69 20.81 -10.38
C LEU F 10 43.86 19.83 -10.50
N GLU F 11 44.70 19.77 -9.47
CA GLU F 11 45.85 18.90 -9.46
C GLU F 11 46.23 18.51 -8.03
N VAL F 12 46.91 17.37 -7.91
CA VAL F 12 47.53 16.94 -6.66
C VAL F 12 48.95 17.48 -6.64
N VAL F 13 49.27 18.26 -5.60
CA VAL F 13 50.59 18.89 -5.45
C VAL F 13 51.47 18.23 -4.41
N ALA F 14 50.87 17.49 -3.47
CA ALA F 14 51.60 16.68 -2.48
C ALA F 14 50.80 15.44 -2.03
N ALA F 15 51.51 14.35 -1.80
CA ALA F 15 50.90 13.10 -1.33
C ALA F 15 51.67 12.46 -0.17
N THR F 16 50.93 11.75 0.69
CA THR F 16 51.45 10.82 1.69
C THR F 16 50.61 9.58 1.41
N PRO F 17 50.89 8.41 2.02
CA PRO F 17 50.04 7.23 1.79
C PRO F 17 48.56 7.40 2.21
N THR F 18 48.30 8.25 3.20
CA THR F 18 46.96 8.45 3.76
C THR F 18 46.32 9.80 3.44
N SER F 19 47.03 10.65 2.70
CA SER F 19 46.59 12.05 2.51
C SER F 19 47.05 12.69 1.20
N LEU F 20 46.22 13.62 0.70
CA LEU F 20 46.54 14.38 -0.51
C LEU F 20 46.33 15.86 -0.25
N LEU F 21 47.25 16.66 -0.79
CA LEU F 21 47.11 18.09 -0.89
C LEU F 21 46.73 18.39 -2.34
N ILE F 22 45.55 18.97 -2.53
CA ILE F 22 45.08 19.35 -3.86
C ILE F 22 45.08 20.85 -3.94
N SER F 23 45.07 21.33 -5.18
CA SER F 23 45.14 22.74 -5.52
C SER F 23 44.30 22.93 -6.78
N TRP F 24 43.69 24.11 -6.90
CA TRP F 24 42.95 24.49 -8.09
C TRP F 24 43.10 25.99 -8.30
N ASP F 25 42.57 26.47 -9.44
CA ASP F 25 42.54 27.90 -9.75
C ASP F 25 41.11 28.43 -9.59
N ALA F 26 40.97 29.46 -8.74
CA ALA F 26 39.72 30.19 -8.57
C ALA F 26 39.21 30.78 -9.89
N PRO F 27 37.88 30.94 -10.05
CA PRO F 27 37.34 31.68 -11.19
C PRO F 27 37.44 33.20 -10.94
N ALA F 28 37.04 34.00 -11.94
CA ALA F 28 37.06 35.45 -11.84
C ALA F 28 36.08 36.00 -10.79
N VAL F 29 34.88 35.44 -10.72
CA VAL F 29 33.88 35.90 -9.75
C VAL F 29 34.18 35.41 -8.32
N THR F 30 33.61 36.12 -7.34
CA THR F 30 33.73 35.72 -5.94
C THR F 30 32.78 34.56 -5.70
N VAL F 31 33.22 33.62 -4.85
CA VAL F 31 32.52 32.38 -4.54
C VAL F 31 32.28 32.29 -3.03
N PHE F 32 31.16 31.67 -2.64
CA PHE F 32 30.81 31.47 -1.25
C PHE F 32 31.67 30.36 -0.64
N PHE F 33 31.72 29.21 -1.32
CA PHE F 33 32.51 28.07 -0.87
C PHE F 33 32.82 27.09 -1.97
N TYR F 34 33.79 26.22 -1.73
CA TYR F 34 34.00 25.04 -2.54
C TYR F 34 33.64 23.81 -1.72
N VAL F 35 33.03 22.81 -2.37
CA VAL F 35 32.87 21.48 -1.82
C VAL F 35 33.81 20.53 -2.57
N ILE F 36 34.61 19.78 -1.80
CA ILE F 36 35.52 18.76 -2.31
C ILE F 36 34.88 17.41 -2.01
N THR F 37 34.88 16.52 -3.01
CA THR F 37 34.42 15.14 -2.83
C THR F 37 35.51 14.17 -3.24
N TYR F 38 35.52 13.02 -2.59
CA TYR F 38 36.45 11.95 -2.88
C TYR F 38 35.79 10.61 -2.62
N GLY F 39 36.00 9.69 -3.55
CA GLY F 39 35.58 8.31 -3.46
C GLY F 39 36.41 7.48 -4.43
N GLU F 40 36.28 6.15 -4.34
CA GLU F 40 37.01 5.23 -5.20
C GLU F 40 36.51 5.39 -6.61
N THR F 41 37.44 5.30 -7.58
CA THR F 41 37.15 5.45 -9.00
C THR F 41 35.98 4.55 -9.40
N GLY F 42 34.99 5.13 -10.09
CA GLY F 42 33.78 4.42 -10.50
C GLY F 42 32.81 4.02 -9.38
N HIS F 43 32.86 4.71 -8.24
CA HIS F 43 31.92 4.48 -7.15
C HIS F 43 30.46 4.74 -7.60
N GLY F 44 29.52 4.01 -7.01
CA GLY F 44 28.11 4.22 -7.23
C GLY F 44 27.61 5.51 -6.59
N VAL F 45 26.40 5.93 -6.99
CA VAL F 45 25.70 7.05 -6.37
C VAL F 45 25.84 7.00 -4.84
N GLY F 46 26.31 8.12 -4.27
CA GLY F 46 26.42 8.30 -2.83
C GLY F 46 27.67 7.76 -2.13
N ALA F 47 28.51 7.00 -2.85
CA ALA F 47 29.66 6.32 -2.23
C ALA F 47 30.90 7.20 -2.30
N PHE F 48 30.82 8.34 -1.62
CA PHE F 48 31.89 9.32 -1.51
C PHE F 48 31.80 10.05 -0.17
N GLN F 49 32.87 10.78 0.16
CA GLN F 49 32.88 11.67 1.30
C GLN F 49 33.12 13.08 0.80
N ALA F 50 32.66 14.06 1.58
CA ALA F 50 32.67 15.44 1.17
C ALA F 50 32.92 16.36 2.34
N PHE F 51 33.69 17.42 2.10
CA PHE F 51 33.83 18.50 3.05
C PHE F 51 33.90 19.81 2.29
N LYS F 52 33.79 20.90 3.06
CA LYS F 52 33.65 22.25 2.53
C LYS F 52 34.89 23.05 2.88
N VAL F 53 35.26 23.97 2.00
CA VAL F 53 36.42 24.85 2.17
C VAL F 53 35.91 26.25 1.83
N PRO F 54 36.32 27.31 2.56
CA PRO F 54 35.91 28.67 2.21
C PRO F 54 36.34 29.10 0.80
N GLY F 55 35.60 30.05 0.21
CA GLY F 55 35.86 30.52 -1.14
C GLY F 55 37.16 31.31 -1.28
N SER F 56 37.76 31.67 -0.15
CA SER F 56 39.08 32.28 -0.12
C SER F 56 40.22 31.29 -0.30
N LYS F 57 39.93 29.99 -0.21
CA LYS F 57 40.97 28.97 -0.35
C LYS F 57 41.02 28.49 -1.77
N SER F 58 42.19 27.97 -2.18
CA SER F 58 42.36 27.30 -3.45
C SER F 58 43.27 26.06 -3.29
N THR F 59 43.25 25.48 -2.08
CA THR F 59 43.91 24.22 -1.75
C THR F 59 43.11 23.57 -0.62
N ALA F 60 43.34 22.26 -0.43
CA ALA F 60 42.72 21.49 0.65
C ALA F 60 43.49 20.21 0.86
N THR F 61 43.38 19.65 2.07
CA THR F 61 43.94 18.38 2.44
C THR F 61 42.82 17.34 2.58
N ILE F 62 43.01 16.18 1.94
CA ILE F 62 42.14 15.03 2.10
C ILE F 62 42.90 13.99 2.94
N SER F 63 42.30 13.55 4.05
CA SER F 63 42.90 12.62 4.99
C SER F 63 42.13 11.30 5.12
N GLY F 64 42.78 10.34 5.78
CA GLY F 64 42.24 9.01 5.98
C GLY F 64 42.01 8.23 4.71
N LEU F 65 42.86 8.44 3.70
CA LEU F 65 42.81 7.64 2.49
C LEU F 65 43.51 6.29 2.68
N LYS F 66 43.09 5.30 1.90
CA LYS F 66 43.71 3.98 1.94
C LYS F 66 44.92 4.00 1.01
N PRO F 67 46.09 3.51 1.44
CA PRO F 67 47.27 3.50 0.57
C PRO F 67 47.09 2.57 -0.65
N GLY F 68 47.51 3.06 -1.82
CA GLY F 68 47.47 2.32 -3.06
C GLY F 68 46.14 2.22 -3.77
N VAL F 69 45.13 2.95 -3.29
CA VAL F 69 43.79 2.98 -3.89
C VAL F 69 43.62 4.15 -4.85
N ASP F 70 42.91 3.91 -5.95
CA ASP F 70 42.61 4.93 -6.95
C ASP F 70 41.32 5.68 -6.56
N TYR F 71 41.43 7.02 -6.47
CA TYR F 71 40.34 7.88 -6.04
C TYR F 71 39.94 8.88 -7.10
N THR F 72 38.64 9.20 -7.15
CA THR F 72 38.15 10.32 -7.95
C THR F 72 37.94 11.51 -7.01
N ILE F 73 38.50 12.65 -7.38
CA ILE F 73 38.44 13.88 -6.60
C ILE F 73 37.71 14.94 -7.40
N THR F 74 36.72 15.58 -6.78
CA THR F 74 35.88 16.52 -7.49
C THR F 74 35.73 17.79 -6.67
N VAL F 75 35.77 18.94 -7.34
CA VAL F 75 35.62 20.23 -6.68
C VAL F 75 34.49 21.00 -7.32
N TYR F 76 33.55 21.43 -6.46
CA TYR F 76 32.38 22.18 -6.83
C TYR F 76 32.58 23.60 -6.32
N ALA F 77 32.08 24.59 -7.07
CA ALA F 77 32.04 25.96 -6.61
C ALA F 77 30.62 26.45 -6.53
N ARG F 78 30.30 27.25 -5.51
CA ARG F 78 28.96 27.80 -5.36
C ARG F 78 29.04 29.24 -4.88
N GLY F 79 28.08 30.07 -5.31
CA GLY F 79 27.94 31.42 -4.83
C GLY F 79 26.70 32.07 -5.39
N TYR F 80 26.73 33.41 -5.47
CA TYR F 80 25.63 34.18 -5.98
C TYR F 80 26.14 35.22 -6.95
N SER F 81 25.27 35.59 -7.90
CA SER F 81 25.37 36.81 -8.69
C SER F 81 24.00 37.41 -8.71
N LYS F 82 23.89 38.63 -9.25
CA LYS F 82 22.60 39.32 -9.36
C LYS F 82 21.69 38.62 -10.37
N GLN F 83 22.30 37.89 -11.31
CA GLN F 83 21.59 36.96 -12.20
C GLN F 83 21.02 35.73 -11.48
N GLY F 84 21.45 35.49 -10.25
CA GLY F 84 20.96 34.42 -9.41
C GLY F 84 22.07 33.44 -9.03
N PRO F 85 21.69 32.24 -8.51
CA PRO F 85 22.66 31.27 -8.02
C PRO F 85 23.74 30.91 -9.04
N TYR F 86 24.99 30.91 -8.59
CA TYR F 86 26.13 30.47 -9.37
C TYR F 86 26.34 29.00 -9.06
N LYS F 87 26.03 28.14 -10.05
CA LYS F 87 26.04 26.67 -9.88
C LYS F 87 26.76 26.01 -11.03
N PRO F 88 28.04 26.34 -11.26
CA PRO F 88 28.77 25.76 -12.39
C PRO F 88 29.07 24.29 -12.22
N SER F 89 29.32 23.64 -13.35
CA SER F 89 29.81 22.27 -13.40
C SER F 89 31.12 22.13 -12.63
N PRO F 90 31.31 20.99 -11.93
CA PRO F 90 32.56 20.72 -11.23
C PRO F 90 33.64 20.19 -12.16
N ILE F 91 34.87 20.10 -11.63
CA ILE F 91 36.03 19.55 -12.32
C ILE F 91 36.51 18.38 -11.47
N SER F 92 37.00 17.32 -12.11
CA SER F 92 37.47 16.11 -11.42
C SER F 92 38.78 15.58 -11.96
N ILE F 93 39.52 14.87 -11.10
CA ILE F 93 40.68 14.09 -11.50
C ILE F 93 40.69 12.75 -10.79
N ASN F 94 41.51 11.82 -11.29
CA ASN F 94 41.79 10.55 -10.62
C ASN F 94 43.24 10.53 -10.18
N TYR F 95 43.51 9.92 -9.02
CA TYR F 95 44.85 9.83 -8.46
C TYR F 95 44.97 8.58 -7.60
N ARG F 96 46.07 7.83 -7.80
CA ARG F 96 46.36 6.63 -7.01
C ARG F 96 47.22 6.97 -5.80
N THR F 97 46.72 6.58 -4.61
CA THR F 97 47.44 6.40 -3.34
C THR F 97 46.88 7.22 -2.20
N MET G 2 -26.23 -4.34 12.69
CA MET G 2 -25.23 -4.36 11.58
C MET G 2 -25.76 -5.18 10.40
N THR G 3 -25.80 -4.55 9.21
CA THR G 3 -26.36 -5.16 8.01
C THR G 3 -25.54 -6.35 7.51
N GLU G 4 -26.26 -7.42 7.18
CA GLU G 4 -25.68 -8.63 6.63
C GLU G 4 -26.10 -8.75 5.17
N TYR G 5 -25.14 -9.16 4.33
CA TYR G 5 -25.37 -9.40 2.91
C TYR G 5 -25.09 -10.85 2.62
N LYS G 6 -26.08 -11.55 2.06
CA LYS G 6 -25.96 -12.96 1.72
C LYS G 6 -25.57 -13.06 0.25
N LEU G 7 -24.30 -13.41 0.00
CA LEU G 7 -23.74 -13.54 -1.32
C LEU G 7 -23.57 -15.01 -1.68
N VAL G 8 -23.88 -15.35 -2.92
CA VAL G 8 -23.68 -16.68 -3.44
C VAL G 8 -22.77 -16.61 -4.67
N VAL G 9 -21.76 -17.49 -4.71
CA VAL G 9 -20.81 -17.59 -5.83
C VAL G 9 -21.14 -18.84 -6.63
N VAL G 10 -21.59 -18.64 -7.88
CA VAL G 10 -21.97 -19.73 -8.78
C VAL G 10 -21.15 -19.70 -10.05
N GLY G 11 -21.16 -20.84 -10.76
CA GLY G 11 -20.39 -21.03 -11.97
C GLY G 11 -19.95 -22.47 -12.11
N ALA G 12 -19.38 -22.77 -13.28
CA ALA G 12 -19.01 -24.12 -13.60
C ALA G 12 -17.86 -24.64 -12.73
N CYS G 13 -17.58 -25.92 -12.87
CA CYS G 13 -16.48 -26.61 -12.23
C CYS G 13 -15.12 -26.08 -12.67
N GLY G 14 -14.25 -25.88 -11.69
CA GLY G 14 -12.85 -25.53 -11.89
C GLY G 14 -12.54 -24.08 -12.24
N VAL G 15 -13.53 -23.17 -12.20
CA VAL G 15 -13.34 -21.79 -12.65
C VAL G 15 -12.65 -20.87 -11.63
N GLY G 16 -12.69 -21.27 -10.35
CA GLY G 16 -12.03 -20.54 -9.28
C GLY G 16 -12.90 -19.88 -8.23
N LYS G 17 -14.17 -20.32 -8.11
CA LYS G 17 -15.12 -19.80 -7.11
C LYS G 17 -14.57 -19.91 -5.70
N SER G 18 -13.96 -21.06 -5.38
CA SER G 18 -13.40 -21.29 -4.04
C SER G 18 -12.16 -20.43 -3.81
N ALA G 19 -11.22 -20.45 -4.76
CA ALA G 19 -10.00 -19.67 -4.68
C ALA G 19 -10.32 -18.17 -4.53
N LEU G 20 -11.29 -17.68 -5.29
CA LEU G 20 -11.72 -16.28 -5.17
C LEU G 20 -12.18 -15.96 -3.77
N THR G 21 -13.06 -16.80 -3.23
CA THR G 21 -13.71 -16.54 -1.94
C THR G 21 -12.70 -16.59 -0.78
N ILE G 22 -11.82 -17.61 -0.82
CA ILE G 22 -10.78 -17.76 0.18
C ILE G 22 -9.78 -16.60 0.14
N GLN G 23 -9.47 -16.13 -1.08
CA GLN G 23 -8.59 -14.98 -1.26
C GLN G 23 -9.20 -13.74 -0.59
N LEU G 24 -10.51 -13.53 -0.77
CA LEU G 24 -11.19 -12.40 -0.15
C LEU G 24 -11.21 -12.49 1.36
N ILE G 25 -11.47 -13.70 1.88
CA ILE G 25 -11.75 -13.93 3.29
C ILE G 25 -10.46 -14.12 4.11
N GLN G 26 -9.51 -14.88 3.56
CA GLN G 26 -8.30 -15.31 4.25
C GLN G 26 -7.00 -14.76 3.66
N ASN G 27 -7.10 -14.00 2.58
CA ASN G 27 -5.94 -13.39 1.93
C ASN G 27 -4.82 -14.38 1.61
N HIS G 28 -5.21 -15.49 0.99
CA HIS G 28 -4.24 -16.46 0.50
C HIS G 28 -4.83 -17.30 -0.66
N PHE G 29 -3.93 -17.70 -1.55
CA PHE G 29 -4.28 -18.43 -2.74
C PHE G 29 -4.17 -19.93 -2.48
N VAL G 30 -5.25 -20.65 -2.76
CA VAL G 30 -5.32 -22.10 -2.69
C VAL G 30 -4.98 -22.68 -4.05
N ASP G 31 -3.76 -23.19 -4.22
CA ASP G 31 -3.34 -23.75 -5.52
C ASP G 31 -3.74 -25.23 -5.75
N GLU G 32 -4.17 -25.92 -4.69
CA GLU G 32 -4.68 -27.28 -4.79
C GLU G 32 -6.15 -27.28 -5.21
N TYR G 33 -6.52 -28.14 -6.18
CA TYR G 33 -7.89 -28.30 -6.59
C TYR G 33 -8.60 -29.30 -5.71
N ASP G 34 -9.58 -28.81 -4.94
CA ASP G 34 -10.42 -29.60 -4.09
C ASP G 34 -11.89 -29.31 -4.39
N PRO G 35 -12.51 -30.07 -5.31
CA PRO G 35 -13.92 -29.85 -5.67
C PRO G 35 -14.83 -29.69 -4.45
N THR G 36 -15.60 -28.61 -4.42
CA THR G 36 -16.44 -28.24 -3.29
C THR G 36 -17.77 -28.97 -3.28
N ILE G 37 -18.23 -29.34 -2.07
CA ILE G 37 -19.62 -29.75 -1.87
C ILE G 37 -20.44 -28.53 -1.45
N GLU G 38 -20.09 -27.95 -0.29
CA GLU G 38 -20.65 -26.69 0.18
C GLU G 38 -19.71 -26.08 1.23
N ASP G 39 -19.46 -24.77 1.12
CA ASP G 39 -18.63 -24.01 2.05
C ASP G 39 -19.28 -22.66 2.31
N SER G 40 -19.34 -22.27 3.58
CA SER G 40 -19.91 -21.00 4.00
C SER G 40 -18.82 -20.18 4.73
N TYR G 41 -18.76 -18.87 4.45
CA TYR G 41 -17.81 -17.94 5.07
C TYR G 41 -18.52 -16.69 5.57
N ARG G 42 -17.99 -16.07 6.62
CA ARG G 42 -18.53 -14.85 7.20
C ARG G 42 -17.37 -13.93 7.49
N LYS G 43 -17.53 -12.64 7.15
CA LYS G 43 -16.46 -11.67 7.36
C LYS G 43 -17.03 -10.25 7.49
N GLN G 44 -16.60 -9.55 8.54
CA GLN G 44 -16.94 -8.14 8.76
C GLN G 44 -15.96 -7.31 7.93
N VAL G 45 -16.51 -6.38 7.13
CA VAL G 45 -15.71 -5.50 6.29
C VAL G 45 -16.34 -4.12 6.28
N VAL G 46 -15.59 -3.15 5.77
CA VAL G 46 -16.08 -1.80 5.52
C VAL G 46 -16.04 -1.61 4.02
N ILE G 47 -17.20 -1.29 3.43
CA ILE G 47 -17.35 -1.05 1.99
C ILE G 47 -17.92 0.33 1.81
N ASP G 48 -17.15 1.20 1.11
CA ASP G 48 -17.53 2.59 0.83
C ASP G 48 -17.89 3.30 2.13
N GLY G 49 -17.10 3.05 3.18
CA GLY G 49 -17.30 3.64 4.49
C GLY G 49 -18.43 3.09 5.35
N GLU G 50 -19.25 2.19 4.81
CA GLU G 50 -20.32 1.53 5.59
C GLU G 50 -19.90 0.11 6.01
N THR G 51 -19.93 -0.14 7.32
CA THR G 51 -19.51 -1.40 7.93
C THR G 51 -20.66 -2.41 7.84
N CYS G 52 -20.33 -3.65 7.47
CA CYS G 52 -21.33 -4.67 7.16
C CYS G 52 -20.72 -6.07 7.24
N LEU G 53 -21.59 -7.09 7.30
CA LEU G 53 -21.20 -8.49 7.41
C LEU G 53 -21.49 -9.20 6.08
N LEU G 54 -20.43 -9.79 5.51
CA LEU G 54 -20.51 -10.62 4.30
C LEU G 54 -20.71 -12.08 4.68
N ASP G 55 -21.85 -12.65 4.24
CA ASP G 55 -22.21 -14.03 4.45
C ASP G 55 -22.16 -14.70 3.08
N ILE G 56 -21.06 -15.43 2.82
CA ILE G 56 -20.75 -15.92 1.48
C ILE G 56 -20.89 -17.43 1.41
N LEU G 57 -21.74 -17.90 0.50
CA LEU G 57 -21.87 -19.33 0.18
C LEU G 57 -21.11 -19.64 -1.12
N ASP G 58 -20.11 -20.52 -1.02
CA ASP G 58 -19.29 -20.96 -2.15
C ASP G 58 -19.83 -22.31 -2.63
N THR G 59 -20.58 -22.28 -3.73
CA THR G 59 -21.34 -23.44 -4.20
C THR G 59 -20.50 -24.41 -5.01
N ALA G 60 -21.07 -25.60 -5.20
CA ALA G 60 -20.50 -26.62 -6.05
C ALA G 60 -20.86 -26.26 -7.46
N GLY G 61 -19.86 -26.32 -8.35
CA GLY G 61 -20.06 -26.04 -9.76
C GLY G 61 -21.00 -27.05 -10.36
N GLN G 62 -21.80 -26.57 -11.32
CA GLN G 62 -22.64 -27.41 -12.18
C GLN G 62 -23.58 -28.27 -11.36
N GLU G 63 -24.24 -27.68 -10.36
CA GLU G 63 -25.11 -28.41 -9.42
C GLU G 63 -26.15 -29.25 -10.18
N GLU G 64 -26.20 -30.55 -9.87
CA GLU G 64 -27.01 -31.55 -10.58
C GLU G 64 -28.49 -31.50 -10.14
N TYR G 65 -28.74 -31.13 -8.88
CA TYR G 65 -30.06 -31.21 -8.30
C TYR G 65 -30.64 -29.84 -8.02
N SER G 66 -31.77 -29.57 -8.66
CA SER G 66 -32.48 -28.33 -8.48
C SER G 66 -32.96 -28.08 -7.06
N ALA G 67 -33.27 -29.15 -6.31
CA ALA G 67 -33.71 -29.00 -4.93
C ALA G 67 -32.62 -28.40 -4.03
N MET G 68 -31.36 -28.73 -4.34
CA MET G 68 -30.22 -28.10 -3.67
C MET G 68 -30.08 -26.62 -4.10
N ARG G 69 -30.02 -26.44 -5.41
CA ARG G 69 -29.76 -25.17 -6.05
C ARG G 69 -30.80 -24.13 -5.69
N ASP G 70 -32.07 -24.52 -5.71
CA ASP G 70 -33.18 -23.63 -5.40
C ASP G 70 -33.13 -23.09 -3.98
N GLN G 71 -32.53 -23.83 -3.04
CA GLN G 71 -32.39 -23.35 -1.67
C GLN G 71 -31.53 -22.09 -1.57
N TYR G 72 -30.30 -22.19 -2.08
CA TYR G 72 -29.36 -21.06 -1.98
C TYR G 72 -29.64 -19.92 -2.95
N MET G 73 -30.34 -20.21 -4.04
CA MET G 73 -30.82 -19.17 -4.95
C MET G 73 -32.01 -18.38 -4.38
N ARG G 74 -32.76 -18.99 -3.47
CA ARG G 74 -33.88 -18.32 -2.80
C ARG G 74 -33.39 -17.38 -1.67
N THR G 75 -32.36 -17.80 -0.91
CA THR G 75 -31.86 -17.02 0.21
C THR G 75 -30.80 -15.95 -0.12
N GLY G 76 -30.03 -16.18 -1.18
CA GLY G 76 -29.01 -15.24 -1.62
C GLY G 76 -29.61 -13.89 -2.01
N GLU G 77 -28.97 -12.80 -1.60
CA GLU G 77 -29.36 -11.46 -2.04
C GLU G 77 -28.57 -11.04 -3.27
N GLY G 78 -27.37 -11.61 -3.46
CA GLY G 78 -26.52 -11.27 -4.59
C GLY G 78 -25.68 -12.44 -5.08
N PHE G 79 -25.42 -12.47 -6.38
CA PHE G 79 -24.79 -13.61 -7.03
C PHE G 79 -23.60 -13.17 -7.87
N LEU G 80 -22.43 -13.73 -7.56
CA LEU G 80 -21.27 -13.64 -8.42
C LEU G 80 -21.36 -14.78 -9.41
N CYS G 81 -21.55 -14.45 -10.69
CA CYS G 81 -21.55 -15.44 -11.74
C CYS G 81 -20.14 -15.48 -12.35
N VAL G 82 -19.44 -16.60 -12.08
CA VAL G 82 -18.05 -16.74 -12.38
C VAL G 82 -17.83 -17.71 -13.54
N PHE G 83 -16.98 -17.29 -14.49
CA PHE G 83 -16.45 -18.16 -15.52
C PHE G 83 -14.97 -17.98 -15.55
N ALA G 84 -14.31 -18.81 -16.36
CA ALA G 84 -12.86 -18.77 -16.49
C ALA G 84 -12.57 -18.44 -17.92
N ILE G 85 -11.59 -17.56 -18.12
CA ILE G 85 -11.29 -17.04 -19.46
C ILE G 85 -10.59 -18.03 -20.39
N ASN G 86 -10.21 -19.20 -19.86
CA ASN G 86 -9.67 -20.30 -20.68
C ASN G 86 -10.70 -21.43 -20.90
N ASN G 87 -11.97 -21.14 -20.62
CA ASN G 87 -13.05 -22.13 -20.62
C ASN G 87 -14.32 -21.57 -21.22
N THR G 88 -14.46 -21.71 -22.54
CA THR G 88 -15.59 -21.18 -23.30
C THR G 88 -16.93 -21.75 -22.81
N LYS G 89 -16.94 -23.04 -22.50
CA LYS G 89 -18.12 -23.69 -21.96
C LYS G 89 -18.64 -22.97 -20.68
N SER G 90 -17.72 -22.60 -19.78
CA SER G 90 -18.06 -21.96 -18.52
C SER G 90 -18.73 -20.61 -18.76
N PHE G 91 -18.29 -19.97 -19.84
CA PHE G 91 -18.83 -18.69 -20.28
C PHE G 91 -20.28 -18.83 -20.77
N GLU G 92 -20.54 -19.82 -21.63
CA GLU G 92 -21.87 -20.11 -22.15
C GLU G 92 -22.83 -20.58 -21.03
N ASP G 93 -22.28 -21.32 -20.07
CA ASP G 93 -23.03 -21.80 -18.89
C ASP G 93 -23.64 -20.67 -18.06
N ILE G 94 -23.00 -19.49 -18.09
CA ILE G 94 -23.47 -18.35 -17.31
C ILE G 94 -24.97 -18.13 -17.53
N HIS G 95 -25.40 -18.27 -18.77
CA HIS G 95 -26.78 -17.99 -19.16
C HIS G 95 -27.77 -18.81 -18.36
N GLN G 96 -27.44 -20.10 -18.17
CA GLN G 96 -28.30 -21.01 -17.41
C GLN G 96 -28.41 -20.64 -15.95
N TYR G 97 -27.26 -20.30 -15.35
CA TYR G 97 -27.22 -19.89 -13.95
C TYR G 97 -28.11 -18.67 -13.73
N ARG G 98 -28.02 -17.70 -14.64
CA ARG G 98 -28.79 -16.50 -14.56
C ARG G 98 -30.29 -16.84 -14.68
N GLU G 99 -30.64 -17.68 -15.67
CA GLU G 99 -32.01 -18.12 -15.88
C GLU G 99 -32.60 -18.79 -14.63
N GLN G 100 -31.82 -19.70 -14.02
CA GLN G 100 -32.21 -20.38 -12.80
C GLN G 100 -32.53 -19.40 -11.69
N ILE G 101 -31.63 -18.44 -11.47
CA ILE G 101 -31.77 -17.44 -10.42
C ILE G 101 -33.03 -16.63 -10.63
N LYS G 102 -33.22 -16.14 -11.86
CA LYS G 102 -34.39 -15.36 -12.23
C LYS G 102 -35.66 -16.12 -11.96
N ARG G 103 -35.66 -17.40 -12.30
CA ARG G 103 -36.81 -18.29 -12.13
C ARG G 103 -37.19 -18.44 -10.64
N VAL G 104 -36.19 -18.67 -9.77
CA VAL G 104 -36.45 -18.82 -8.34
C VAL G 104 -36.87 -17.49 -7.68
N LYS G 105 -36.26 -16.39 -8.11
CA LYS G 105 -36.56 -15.07 -7.58
C LYS G 105 -37.87 -14.51 -8.10
N ASP G 106 -38.23 -14.89 -9.33
CA ASP G 106 -39.35 -14.31 -10.07
C ASP G 106 -39.10 -12.82 -10.35
N SER G 107 -37.98 -12.55 -11.04
CA SER G 107 -37.55 -11.18 -11.37
C SER G 107 -36.44 -11.17 -12.43
N ASP G 108 -36.31 -10.06 -13.16
CA ASP G 108 -35.20 -9.82 -14.08
C ASP G 108 -34.01 -9.12 -13.41
N ASP G 109 -34.31 -8.23 -12.45
CA ASP G 109 -33.29 -7.49 -11.72
C ASP G 109 -32.99 -8.13 -10.36
N VAL G 110 -32.06 -9.10 -10.40
CA VAL G 110 -31.42 -9.64 -9.24
C VAL G 110 -29.99 -9.08 -9.26
N PRO G 111 -29.49 -8.54 -8.12
CA PRO G 111 -28.11 -8.09 -8.03
C PRO G 111 -27.14 -9.19 -8.44
N MET G 112 -26.28 -8.89 -9.42
CA MET G 112 -25.40 -9.85 -10.02
C MET G 112 -24.19 -9.17 -10.61
N VAL G 113 -23.06 -9.89 -10.62
CA VAL G 113 -21.85 -9.43 -11.26
C VAL G 113 -21.24 -10.56 -12.05
N LEU G 114 -20.84 -10.26 -13.28
CA LEU G 114 -20.20 -11.22 -14.15
C LEU G 114 -18.71 -11.15 -13.89
N VAL G 115 -18.12 -12.30 -13.56
CA VAL G 115 -16.69 -12.38 -13.22
C VAL G 115 -15.92 -13.32 -14.12
N GLY G 116 -14.91 -12.80 -14.80
CA GLY G 116 -14.01 -13.61 -15.64
C GLY G 116 -12.70 -13.86 -14.92
N ASN G 117 -12.52 -15.08 -14.40
CA ASN G 117 -11.36 -15.43 -13.58
C ASN G 117 -10.21 -16.04 -14.39
N LYS G 118 -9.05 -16.15 -13.75
CA LYS G 118 -7.81 -16.73 -14.29
C LYS G 118 -7.17 -15.84 -15.34
N CYS G 119 -7.26 -14.53 -15.11
CA CYS G 119 -6.80 -13.52 -16.09
C CYS G 119 -5.29 -13.48 -16.19
N ASP G 120 -4.62 -14.02 -15.16
CA ASP G 120 -3.19 -14.30 -15.16
C ASP G 120 -2.70 -15.32 -16.21
N LEU G 121 -3.61 -16.10 -16.78
CA LEU G 121 -3.24 -17.09 -17.79
C LEU G 121 -2.99 -16.40 -19.14
N ALA G 122 -1.96 -16.88 -19.86
CA ALA G 122 -1.59 -16.35 -21.18
C ALA G 122 -2.60 -16.74 -22.27
N ALA G 123 -2.78 -18.05 -22.48
CA ALA G 123 -3.67 -18.58 -23.51
C ALA G 123 -5.14 -18.53 -23.06
N ARG G 124 -5.84 -17.53 -23.59
CA ARG G 124 -7.20 -17.18 -23.25
C ARG G 124 -8.07 -17.56 -24.45
N THR G 125 -9.28 -18.07 -24.19
CA THR G 125 -10.22 -18.47 -25.25
C THR G 125 -11.53 -17.67 -25.27
N VAL G 126 -11.80 -16.92 -24.20
CA VAL G 126 -12.93 -15.97 -24.16
C VAL G 126 -12.34 -14.57 -24.08
N GLU G 127 -12.62 -13.73 -25.09
CA GLU G 127 -12.11 -12.37 -25.14
C GLU G 127 -12.97 -11.39 -24.32
N SER G 128 -12.33 -10.35 -23.79
CA SER G 128 -12.98 -9.30 -23.01
C SER G 128 -14.21 -8.72 -23.73
N ARG G 129 -14.06 -8.48 -25.04
CA ARG G 129 -15.15 -8.01 -25.89
C ARG G 129 -16.41 -8.85 -25.70
N GLN G 130 -16.27 -10.17 -25.83
CA GLN G 130 -17.39 -11.11 -25.70
C GLN G 130 -18.09 -10.93 -24.36
N ALA G 131 -17.29 -10.82 -23.29
CA ALA G 131 -17.80 -10.76 -21.94
C ALA G 131 -18.46 -9.41 -21.65
N GLN G 132 -17.86 -8.34 -22.17
CA GLN G 132 -18.42 -7.00 -22.13
C GLN G 132 -19.80 -6.98 -22.77
N ASP G 133 -19.92 -7.62 -23.94
CA ASP G 133 -21.20 -7.75 -24.66
C ASP G 133 -22.25 -8.49 -23.83
N LEU G 134 -21.85 -9.64 -23.28
CA LEU G 134 -22.76 -10.45 -22.49
C LEU G 134 -23.27 -9.63 -21.30
N ALA G 135 -22.34 -8.98 -20.60
CA ALA G 135 -22.64 -8.18 -19.42
C ALA G 135 -23.62 -7.10 -19.81
N ARG G 136 -23.31 -6.40 -20.91
CA ARG G 136 -24.14 -5.35 -21.48
C ARG G 136 -25.59 -5.81 -21.67
N SER G 137 -25.76 -6.97 -22.33
CA SER G 137 -27.09 -7.50 -22.61
C SER G 137 -27.89 -7.87 -21.35
N TYR G 138 -27.18 -8.29 -20.29
CA TYR G 138 -27.81 -8.58 -19.00
C TYR G 138 -28.05 -7.34 -18.16
N GLY G 139 -27.28 -6.27 -18.45
CA GLY G 139 -27.30 -5.02 -17.71
C GLY G 139 -26.64 -5.11 -16.34
N ILE G 140 -25.47 -5.77 -16.30
CA ILE G 140 -24.69 -5.96 -15.07
C ILE G 140 -23.22 -5.60 -15.28
N PRO G 141 -22.47 -5.31 -14.19
CA PRO G 141 -21.03 -5.08 -14.30
C PRO G 141 -20.26 -6.34 -14.70
N TYR G 142 -19.09 -6.15 -15.33
CA TYR G 142 -18.14 -7.20 -15.65
C TYR G 142 -16.80 -6.87 -15.00
N ILE G 143 -16.23 -7.83 -14.26
CA ILE G 143 -14.95 -7.66 -13.59
C ILE G 143 -14.00 -8.80 -13.94
N GLU G 144 -12.84 -8.45 -14.51
CA GLU G 144 -11.78 -9.43 -14.77
C GLU G 144 -11.03 -9.65 -13.46
N THR G 145 -10.82 -10.92 -13.08
CA THR G 145 -10.14 -11.31 -11.84
C THR G 145 -9.06 -12.36 -12.07
N SER G 146 -8.12 -12.44 -11.12
CA SER G 146 -7.30 -13.60 -10.86
C SER G 146 -7.20 -13.79 -9.35
N ALA G 147 -7.60 -14.97 -8.87
CA ALA G 147 -7.44 -15.38 -7.47
C ALA G 147 -5.98 -15.64 -7.12
N LYS G 148 -5.15 -15.91 -8.15
CA LYS G 148 -3.73 -16.13 -8.00
C LYS G 148 -2.98 -14.86 -7.63
N THR G 149 -3.20 -13.80 -8.41
CA THR G 149 -2.54 -12.52 -8.19
C THR G 149 -3.34 -11.51 -7.35
N ARG G 150 -4.60 -11.82 -7.05
CA ARG G 150 -5.54 -10.89 -6.40
C ARG G 150 -6.11 -9.77 -7.28
N GLN G 151 -5.74 -9.75 -8.57
CA GLN G 151 -6.35 -8.83 -9.51
C GLN G 151 -7.86 -8.91 -9.36
N GLY G 152 -8.49 -7.78 -9.05
CA GLY G 152 -9.93 -7.62 -9.10
C GLY G 152 -10.80 -8.35 -8.08
N VAL G 153 -10.17 -9.04 -7.12
CA VAL G 153 -10.93 -9.86 -6.19
C VAL G 153 -11.85 -9.03 -5.28
N GLU G 154 -11.27 -8.07 -4.55
CA GLU G 154 -12.05 -7.14 -3.74
C GLU G 154 -13.11 -6.39 -4.57
N ASP G 155 -12.72 -5.98 -5.78
CA ASP G 155 -13.59 -5.25 -6.71
C ASP G 155 -14.89 -6.03 -6.99
N ALA G 156 -14.72 -7.32 -7.32
CA ALA G 156 -15.84 -8.19 -7.64
C ALA G 156 -16.91 -8.22 -6.52
N PHE G 157 -16.49 -8.61 -5.32
CA PHE G 157 -17.39 -8.81 -4.20
C PHE G 157 -18.01 -7.50 -3.71
N TYR G 158 -17.20 -6.44 -3.68
CA TYR G 158 -17.62 -5.15 -3.17
C TYR G 158 -18.59 -4.50 -4.13
N THR G 159 -18.35 -4.70 -5.44
CA THR G 159 -19.26 -4.23 -6.48
C THR G 159 -20.63 -4.95 -6.38
N LEU G 160 -20.60 -6.25 -6.03
CA LEU G 160 -21.82 -7.00 -5.83
C LEU G 160 -22.59 -6.40 -4.68
N VAL G 161 -21.90 -6.06 -3.60
CA VAL G 161 -22.55 -5.41 -2.45
C VAL G 161 -23.14 -4.07 -2.86
N ARG G 162 -22.41 -3.33 -3.70
CA ARG G 162 -22.88 -2.04 -4.20
C ARG G 162 -24.16 -2.20 -5.02
N GLU G 163 -24.27 -3.31 -5.76
CA GLU G 163 -25.44 -3.59 -6.58
C GLU G 163 -26.68 -3.90 -5.73
N ILE G 164 -26.49 -4.61 -4.61
CA ILE G 164 -27.56 -4.90 -3.69
C ILE G 164 -28.08 -3.61 -3.05
N ARG G 165 -27.14 -2.75 -2.63
CA ARG G 165 -27.45 -1.43 -2.09
C ARG G 165 -28.20 -0.52 -3.04
N GLN G 166 -27.89 -0.59 -4.34
CA GLN G 166 -28.53 0.27 -5.34
C GLN G 166 -29.70 -0.37 -6.11
N HIS G 167 -30.24 -1.48 -5.57
CA HIS G 167 -31.34 -2.20 -6.22
C HIS G 167 -32.56 -1.32 -6.42
N VAL H 6 -11.30 -43.42 -4.01
CA VAL H 6 -10.51 -43.44 -5.26
C VAL H 6 -11.33 -44.16 -6.32
N PRO H 7 -11.61 -43.49 -7.46
CA PRO H 7 -11.96 -44.23 -8.68
C PRO H 7 -10.65 -44.89 -9.14
N THR H 8 -10.76 -46.12 -9.63
CA THR H 8 -9.62 -46.87 -10.13
C THR H 8 -9.79 -47.16 -11.60
N LYS H 9 -8.72 -47.65 -12.23
CA LYS H 9 -8.72 -48.11 -13.61
C LYS H 9 -9.34 -47.10 -14.58
N LEU H 10 -8.83 -45.86 -14.52
CA LEU H 10 -9.08 -44.84 -15.51
C LEU H 10 -8.38 -45.17 -16.83
N GLU H 11 -9.14 -45.16 -17.93
CA GLU H 11 -8.61 -45.47 -19.25
C GLU H 11 -9.42 -44.76 -20.34
N VAL H 12 -8.78 -44.54 -21.50
CA VAL H 12 -9.44 -44.01 -22.70
C VAL H 12 -9.91 -45.22 -23.51
N VAL H 13 -11.23 -45.28 -23.79
CA VAL H 13 -11.84 -46.37 -24.52
C VAL H 13 -12.20 -46.02 -25.96
N ALA H 14 -12.36 -44.72 -26.26
CA ALA H 14 -12.58 -44.23 -27.63
C ALA H 14 -12.01 -42.82 -27.83
N ALA H 15 -11.50 -42.56 -29.04
CA ALA H 15 -10.90 -41.28 -29.39
C ALA H 15 -11.34 -40.78 -30.78
N THR H 16 -11.35 -39.45 -30.92
CA THR H 16 -11.43 -38.72 -32.19
C THR H 16 -10.28 -37.73 -32.01
N PRO H 17 -9.84 -36.99 -33.06
CA PRO H 17 -8.84 -35.94 -32.87
C PRO H 17 -9.24 -34.81 -31.90
N THR H 18 -10.55 -34.55 -31.75
CA THR H 18 -11.07 -33.47 -30.90
C THR H 18 -11.75 -33.95 -29.59
N SER H 19 -11.86 -35.27 -29.40
CA SER H 19 -12.65 -35.80 -28.28
C SER H 19 -12.19 -37.16 -27.73
N LEU H 20 -12.43 -37.40 -26.44
CA LEU H 20 -12.09 -38.65 -25.77
C LEU H 20 -13.27 -39.15 -24.97
N LEU H 21 -13.49 -40.47 -25.03
CA LEU H 21 -14.39 -41.18 -24.15
C LEU H 21 -13.52 -41.90 -23.12
N ILE H 22 -13.69 -41.54 -21.85
CA ILE H 22 -12.95 -42.16 -20.77
C ILE H 22 -13.92 -43.01 -19.97
N SER H 23 -13.35 -43.92 -19.19
CA SER H 23 -14.05 -44.88 -18.38
C SER H 23 -13.22 -45.12 -17.13
N TRP H 24 -13.89 -45.42 -16.01
CA TRP H 24 -13.25 -45.76 -14.77
C TRP H 24 -14.13 -46.77 -14.01
N ASP H 25 -13.60 -47.27 -12.89
CA ASP H 25 -14.35 -48.16 -12.00
C ASP H 25 -14.76 -47.43 -10.73
N ALA H 26 -16.07 -47.43 -10.47
CA ALA H 26 -16.63 -46.87 -9.22
C ALA H 26 -16.06 -47.56 -7.98
N PRO H 27 -15.97 -46.85 -6.83
CA PRO H 27 -15.61 -47.51 -5.57
C PRO H 27 -16.81 -48.19 -4.97
N ALA H 28 -16.62 -48.86 -3.83
CA ALA H 28 -17.71 -49.58 -3.15
C ALA H 28 -18.78 -48.61 -2.57
N VAL H 29 -18.35 -47.49 -2.01
CA VAL H 29 -19.25 -46.51 -1.44
C VAL H 29 -19.99 -45.68 -2.50
N THR H 30 -21.09 -45.06 -2.07
CA THR H 30 -21.88 -44.13 -2.84
C THR H 30 -21.08 -42.85 -3.03
N VAL H 31 -21.19 -42.28 -4.24
CA VAL H 31 -20.50 -41.06 -4.66
C VAL H 31 -21.58 -40.03 -5.05
N PHE H 32 -21.41 -38.78 -4.63
CA PHE H 32 -22.35 -37.72 -5.01
C PHE H 32 -22.11 -37.31 -6.48
N PHE H 33 -20.85 -37.06 -6.82
CA PHE H 33 -20.45 -36.77 -8.20
C PHE H 33 -18.98 -37.04 -8.46
N TYR H 34 -18.63 -37.11 -9.75
CA TYR H 34 -17.24 -37.08 -10.17
C TYR H 34 -17.00 -35.77 -10.91
N VAL H 35 -15.80 -35.18 -10.71
CA VAL H 35 -15.31 -34.08 -11.49
C VAL H 35 -14.15 -34.59 -12.34
N ILE H 36 -14.24 -34.32 -13.66
CA ILE H 36 -13.22 -34.67 -14.62
C ILE H 36 -12.49 -33.38 -14.99
N THR H 37 -11.15 -33.44 -15.02
CA THR H 37 -10.31 -32.33 -15.44
C THR H 37 -9.40 -32.76 -16.58
N TYR H 38 -9.08 -31.80 -17.45
CA TYR H 38 -8.19 -32.03 -18.57
C TYR H 38 -7.45 -30.73 -18.87
N GLY H 39 -6.15 -30.89 -19.10
CA GLY H 39 -5.24 -29.83 -19.48
C GLY H 39 -4.00 -30.47 -20.08
N GLU H 40 -3.15 -29.65 -20.70
CA GLU H 40 -1.92 -30.11 -21.32
C GLU H 40 -1.00 -30.64 -20.26
N THR H 41 -0.28 -31.71 -20.61
CA THR H 41 0.68 -32.33 -19.71
C THR H 41 1.67 -31.27 -19.18
N GLY H 42 1.89 -31.26 -17.86
CA GLY H 42 2.70 -30.25 -17.20
C GLY H 42 2.14 -28.84 -17.12
N HIS H 43 0.82 -28.67 -17.23
CA HIS H 43 0.22 -27.33 -17.17
C HIS H 43 0.43 -26.69 -15.81
N GLY H 44 0.54 -25.35 -15.77
CA GLY H 44 0.64 -24.60 -14.53
C GLY H 44 -0.68 -24.58 -13.75
N VAL H 45 -0.60 -24.18 -12.48
CA VAL H 45 -1.78 -24.07 -11.63
C VAL H 45 -2.91 -23.34 -12.37
N GLY H 46 -4.10 -23.97 -12.39
CA GLY H 46 -5.30 -23.40 -12.99
C GLY H 46 -5.52 -23.55 -14.49
N ALA H 47 -4.50 -24.02 -15.22
CA ALA H 47 -4.57 -24.13 -16.68
C ALA H 47 -5.17 -25.48 -17.13
N PHE H 48 -6.45 -25.67 -16.77
CA PHE H 48 -7.22 -26.84 -17.11
C PHE H 48 -8.70 -26.47 -17.22
N GLN H 49 -9.48 -27.40 -17.78
CA GLN H 49 -10.92 -27.27 -17.84
C GLN H 49 -11.52 -28.44 -17.09
N ALA H 50 -12.75 -28.26 -16.61
CA ALA H 50 -13.38 -29.21 -15.72
C ALA H 50 -14.86 -29.23 -15.94
N PHE H 51 -15.45 -30.42 -15.83
CA PHE H 51 -16.89 -30.55 -15.77
C PHE H 51 -17.23 -31.69 -14.81
N LYS H 52 -18.53 -31.78 -14.48
CA LYS H 52 -19.04 -32.70 -13.48
C LYS H 52 -19.94 -33.75 -14.15
N VAL H 53 -19.97 -34.96 -13.60
CA VAL H 53 -20.85 -36.03 -14.03
C VAL H 53 -21.43 -36.65 -12.77
N PRO H 54 -22.70 -37.13 -12.79
CA PRO H 54 -23.29 -37.77 -11.61
C PRO H 54 -22.51 -39.03 -11.17
N GLY H 55 -22.65 -39.36 -9.87
CA GLY H 55 -21.98 -40.50 -9.28
C GLY H 55 -22.47 -41.85 -9.76
N SER H 56 -23.58 -41.86 -10.49
CA SER H 56 -24.08 -43.04 -11.16
C SER H 56 -23.35 -43.35 -12.47
N LYS H 57 -22.54 -42.42 -12.97
CA LYS H 57 -21.78 -42.64 -14.20
C LYS H 57 -20.42 -43.20 -13.89
N SER H 58 -19.87 -43.93 -14.85
CA SER H 58 -18.49 -44.38 -14.81
C SER H 58 -17.82 -44.21 -16.22
N THR H 59 -18.31 -43.24 -16.99
CA THR H 59 -17.73 -42.82 -18.26
C THR H 59 -18.07 -41.35 -18.47
N ALA H 60 -17.34 -40.70 -19.38
CA ALA H 60 -17.58 -39.31 -19.75
C ALA H 60 -16.87 -39.00 -21.07
N THR H 61 -17.39 -37.99 -21.79
CA THR H 61 -16.81 -37.52 -23.04
C THR H 61 -16.20 -36.14 -22.80
N ILE H 62 -14.94 -35.98 -23.25
CA ILE H 62 -14.22 -34.73 -23.25
C ILE H 62 -14.16 -34.23 -24.70
N SER H 63 -14.62 -32.99 -24.93
CA SER H 63 -14.69 -32.39 -26.26
C SER H 63 -13.82 -31.13 -26.38
N GLY H 64 -13.68 -30.67 -27.62
CA GLY H 64 -12.93 -29.49 -27.95
C GLY H 64 -11.45 -29.61 -27.65
N LEU H 65 -10.88 -30.81 -27.78
CA LEU H 65 -9.46 -30.97 -27.62
C LEU H 65 -8.73 -30.56 -28.90
N LYS H 66 -7.47 -30.14 -28.75
CA LYS H 66 -6.63 -29.77 -29.87
C LYS H 66 -6.00 -31.05 -30.42
N PRO H 67 -6.04 -31.29 -31.75
CA PRO H 67 -5.52 -32.54 -32.31
C PRO H 67 -4.01 -32.67 -32.15
N GLY H 68 -3.56 -33.87 -31.75
CA GLY H 68 -2.15 -34.19 -31.60
C GLY H 68 -1.46 -33.67 -30.34
N VAL H 69 -2.23 -33.12 -29.40
CA VAL H 69 -1.70 -32.60 -28.12
C VAL H 69 -1.81 -33.65 -27.01
N ASP H 70 -0.79 -33.67 -26.13
CA ASP H 70 -0.76 -34.55 -24.97
C ASP H 70 -1.48 -33.91 -23.77
N TYR H 71 -2.48 -34.62 -23.23
CA TYR H 71 -3.32 -34.14 -22.15
C TYR H 71 -3.21 -34.98 -20.91
N THR H 72 -3.30 -34.32 -19.75
CA THR H 72 -3.47 -35.03 -18.48
C THR H 72 -4.96 -34.99 -18.12
N ILE H 73 -5.51 -36.17 -17.82
CA ILE H 73 -6.91 -36.34 -17.49
C ILE H 73 -7.02 -36.86 -16.06
N THR H 74 -7.85 -36.20 -15.26
CA THR H 74 -7.92 -36.49 -13.84
C THR H 74 -9.39 -36.59 -13.43
N VAL H 75 -9.68 -37.58 -12.58
CA VAL H 75 -11.03 -37.81 -12.09
C VAL H 75 -11.03 -37.80 -10.58
N TYR H 76 -11.89 -36.94 -10.03
CA TYR H 76 -12.06 -36.73 -8.60
C TYR H 76 -13.41 -37.33 -8.25
N ALA H 77 -13.52 -37.87 -7.04
CA ALA H 77 -14.79 -38.32 -6.49
C ALA H 77 -15.10 -37.55 -5.22
N ARG H 78 -16.37 -37.21 -5.01
CA ARG H 78 -16.78 -36.54 -3.80
C ARG H 78 -18.12 -37.07 -3.31
N GLY H 79 -18.30 -37.10 -1.99
CA GLY H 79 -19.58 -37.46 -1.39
C GLY H 79 -19.55 -37.26 0.11
N TYR H 80 -20.48 -37.93 0.79
CA TYR H 80 -20.56 -37.88 2.24
C TYR H 80 -20.64 -39.25 2.83
N SER H 81 -20.06 -39.39 4.02
CA SER H 81 -20.24 -40.55 4.88
C SER H 81 -20.43 -40.02 6.29
N LYS H 82 -20.77 -40.92 7.20
CA LYS H 82 -20.96 -40.57 8.62
C LYS H 82 -19.62 -40.21 9.26
N GLN H 83 -18.52 -40.73 8.68
CA GLN H 83 -17.14 -40.34 9.02
C GLN H 83 -16.82 -38.90 8.56
N GLY H 84 -17.67 -38.31 7.71
CA GLY H 84 -17.55 -36.94 7.25
C GLY H 84 -17.39 -36.88 5.74
N PRO H 85 -16.90 -35.74 5.20
CA PRO H 85 -16.69 -35.60 3.76
C PRO H 85 -15.81 -36.71 3.19
N TYR H 86 -16.26 -37.30 2.08
CA TYR H 86 -15.48 -38.27 1.33
C TYR H 86 -14.69 -37.49 0.28
N LYS H 87 -13.37 -37.42 0.48
CA LYS H 87 -12.47 -36.58 -0.32
C LYS H 87 -11.23 -37.36 -0.72
N PRO H 88 -11.38 -38.49 -1.42
CA PRO H 88 -10.23 -39.30 -1.79
C PRO H 88 -9.34 -38.63 -2.82
N SER H 89 -8.09 -39.10 -2.85
CA SER H 89 -7.12 -38.75 -3.88
C SER H 89 -7.67 -39.10 -5.26
N PRO H 90 -7.42 -38.24 -6.27
CA PRO H 90 -7.86 -38.52 -7.64
C PRO H 90 -6.90 -39.45 -8.35
N ILE H 91 -7.31 -39.94 -9.51
CA ILE H 91 -6.51 -40.78 -10.39
C ILE H 91 -6.35 -40.04 -11.72
N SER H 92 -5.18 -40.16 -12.34
CA SER H 92 -4.88 -39.48 -13.59
C SER H 92 -4.19 -40.37 -14.61
N ILE H 93 -4.39 -40.03 -15.89
CA ILE H 93 -3.61 -40.60 -17.00
C ILE H 93 -3.22 -39.50 -17.99
N ASN H 94 -2.25 -39.83 -18.86
CA ASN H 94 -1.88 -38.98 -20.00
C ASN H 94 -2.28 -39.68 -21.27
N TYR H 95 -2.72 -38.90 -22.28
CA TYR H 95 -3.14 -39.43 -23.57
C TYR H 95 -2.94 -38.38 -24.66
N ARG H 96 -2.36 -38.79 -25.80
CA ARG H 96 -2.13 -37.92 -26.94
C ARG H 96 -3.30 -38.02 -27.92
N THR H 97 -3.86 -36.88 -28.33
CA THR H 97 -4.93 -36.85 -29.33
C THR H 97 -4.34 -36.85 -30.74
#